data_7EY5
#
_entry.id   7EY5
#
loop_
_entity.id
_entity.type
_entity.pdbx_description
1 polymer 'Spike glycoprotein'
2 polymer BD-821H
3 polymer BD-821L
4 polymer BD-771H
5 polymer BD-771L
#
loop_
_entity_poly.entity_id
_entity_poly.type
_entity_poly.pdbx_seq_one_letter_code
_entity_poly.pdbx_strand_id
1 'polypeptide(L)'
;MFVFLVLLPLVSSQCVNFTTRTQLPPAYTNSFTRGVYYPDKVFRSSVLHSTQDLFLPFFSNVTWFHAIHVSGTNGTKRFA
NPVLPFNDGVYFASTEKSNIIRGWIFGTTLDSKTQSLLIVNNATNVVIKVCEFQFCNDPFLGVYYHKNNKSWMESEFRVY
SSANNCTFEYVSQPFLMDLEGKQGNFKNLREFVFKNIDGYFKIYSKHTPINLVRGLPQGFSALEPLVDLPIGINITRFQT
LHRSYLTPGDSSSGWTAGAAAYYVGYLQPRTFLLKYNENGTITDAVDCALDPLSETKCTLKSFTVEKGIYQTSNFRVQPT
ESIVRFPNITNLCPFGEVFNATRFASVYAWNRKRISNCVADYSVLYNSASFSTFKCYGVSPTKLNDLCFTNVYADSFVIR
GDEVRQIAPGQTGNIADYNYKLPDDFTGCVIAWNSNNLDSKVGGNYNYLYRLFRKSNLKPFERDISTEIYQAGSTPCNGV
KGFNCYFPLQSYGFQPTYGVGYQPYRVVVLSFELLHAPATVCGPKKSTNLVKNKCVNFNFNGLTGTGVLTESNKKFLPFQ
QFGRDIADTTDAVRDPQTLEILDITPCSFGGVSVITPGTNTSNQVAVLYQGVNCTEVPVAIHADQLTPTWRVYSTGSNVF
QTRAGCLIGAEHVNNSYECDIPIGAGICASYQTQTNSPGSASSVASQSIIAYTMSLGVENSVAYSNNSIAIPTNFTISVT
TEILPVSMTKTSVDCTMYICGDSTECSNLLLQYGSFCTQLNRALTGIAVEQDKNTQEVFAQVKQIYKTPPIKDFGGFNFS
QILPDPSKPSKRSPIEDLLFNKVTLADAGFIKQYGDCLGDIAARDLICAQKFNGLTVLPPLLTDEMIAQYTSALLAGTIT
SGWTFGAGPALQIPFPMQMAYRFNGIGVTQNVLYENQKLIANQFNSAIGKIQDSLSSTPSALGKLQDVVNQNAQALNTLV
KQLSSNFGAISSVLNDILSRLDPPEAEVQIDRLITGRLQSLQTYVTQQLIRAAEIRASANLAATKMSECVLGQSKRVDFC
GKGYHLMSFPQSAPHGVVFLHVTYVPAQEKNFTTAPAICHDGKAHFPREGVFVSNGTHWFVTQRNFYEPQIITTDNTFVS
GNCDVVIGIVNNTVYDPLQPELDSFKEELDKYFKNHTSPDVDLGDISGINASVVNIQKEIDRLNEVAKNLNESLIDLQEL
GKYEQGSGYIPEAPRDGQAYVRKDGEWVLLSTFLGRSLEVLFQGPGHHHHHHHHSAWSHPQFEKGGGSGGGGSGGSAWSH
PQFEK
;
A
2 'polypeptide(L)'
;ELQLVQSGAEVKKPGESLKISCKYSGNISPNFWIGWVRQMAGKGLEWMGIIYPDDSDSRYSPSFQGQVIISADKSITTAL
LHWSSLKVSDTAKYYCVYGSGSPSNWFHPWGQGTLVTVSSASTKGPSVFPLAPSSKSTSGGTAALGCLVKDYFPEPVTVS
WNSGALTSGVHTFPAVLQSSGLYSLSSVVTVPSSSLGTQTYICNVNHKPSNTKVDKKVEPKSCDKHHHHHH
;
B
3 'polypeptide(L)'
;EVVMTQSPATLSVSPGERATLSCRASQSVRYNLAWYQQKPGQAPRLLIYDASTRATGIPGRFSGSGSGTEFTLTISSLQS
EDFAVYYCQQYDNWPPWTFGQGTKVEIKRTVAAPSVFIFPPSDEQLKSGTASVVCLLNNFYPREAKVQWKVDNALQSGNS
QESVTEQDSKDSTYSLSSTLTLSKADYEKHKVYACEVTHQGLSSPVTKSFNRGEC
;
C
4 'polypeptide(L)'
;EVQLVESGGGFVKPGGSLRLSCAASGFKFSDAWMNWVRQAPGKGLEWVGRIKSKADGQTTDYAAPVKGRFSISRDDSKNT
LFLQIHNLESDDTAVYYCTTGALVESRYFDWFTGYYFDYWGQGTLVTVSSASTKGPSVFPLAPSSKSTSGGTAALGCLVK
DYFPEPVTVSWNSGALTSGVHTFPAVLQSSGLYSLSSVVTVPSSSLGTQTYICNVNHKPSNTKVDKKVEPKSCDKHHHHH
H
;
H
5 'polypeptide(L)'
;DIQMTQSPSSLSASVGDRVTITCRTSQGIYNYLAWYQQKPGKVPKLLIYGASTLQSGVPSRFSGSGSGTDFTLTISSLQP
EDVATYYCQKYKSAPLTFGGGTKVEIKRTVAAPSVFIFPPSDEQLKSGTASVVCLLNNFYPREAKVQWKVDNALQSGNSQ
ESVTEQDSKDSTYSLSSTLTLSKADYEKHKVYACEVTHQGLSSPVTKSFNRGEC
;
L
#
# COMPACT_ATOMS: atom_id res chain seq x y z
N ASN A 331 -31.16 -25.10 26.15
CA ASN A 331 -29.83 -25.32 26.68
C ASN A 331 -28.84 -25.53 25.54
N LEU A 332 -29.13 -24.89 24.41
CA LEU A 332 -28.32 -25.08 23.21
C LEU A 332 -26.95 -24.41 23.39
N CYS A 333 -26.01 -24.86 22.55
CA CYS A 333 -24.63 -24.38 22.63
C CYS A 333 -24.50 -22.98 22.05
N PRO A 334 -23.46 -22.25 22.47
CA PRO A 334 -23.30 -20.85 22.03
C PRO A 334 -22.68 -20.67 20.66
N PHE A 335 -22.68 -21.73 19.84
CA PHE A 335 -22.10 -21.71 18.50
C PHE A 335 -22.37 -20.42 17.75
N GLY A 336 -23.58 -19.87 17.92
CA GLY A 336 -23.96 -18.68 17.17
C GLY A 336 -23.01 -17.52 17.40
N GLU A 337 -22.66 -17.26 18.67
CA GLU A 337 -21.79 -16.13 18.95
C GLU A 337 -20.38 -16.36 18.43
N VAL A 338 -19.95 -17.61 18.30
CA VAL A 338 -18.67 -17.88 17.65
C VAL A 338 -18.75 -17.58 16.15
N PHE A 339 -19.82 -18.01 15.51
CA PHE A 339 -19.91 -17.83 14.06
C PHE A 339 -20.48 -16.47 13.66
N ASN A 340 -21.44 -15.95 14.42
CA ASN A 340 -21.95 -14.61 14.19
C ASN A 340 -21.21 -13.56 14.99
N ALA A 341 -19.95 -13.79 15.32
CA ALA A 341 -19.17 -12.85 16.11
C ALA A 341 -18.95 -11.56 15.34
N THR A 342 -18.52 -10.53 16.08
CA THR A 342 -18.32 -9.22 15.48
C THR A 342 -16.99 -9.14 14.74
N ARG A 343 -15.88 -9.30 15.46
CA ARG A 343 -14.56 -9.17 14.88
C ARG A 343 -13.69 -10.34 15.33
N PHE A 344 -12.92 -10.89 14.39
CA PHE A 344 -12.08 -12.04 14.64
C PHE A 344 -10.65 -11.61 14.91
N ALA A 345 -9.88 -12.52 15.51
CA ALA A 345 -8.49 -12.23 15.84
C ALA A 345 -7.60 -12.52 14.65
N SER A 346 -6.31 -12.25 14.82
CA SER A 346 -5.32 -12.50 13.78
C SER A 346 -4.84 -13.94 13.85
N VAL A 347 -4.27 -14.41 12.73
CA VAL A 347 -3.94 -15.82 12.61
C VAL A 347 -2.84 -16.21 13.60
N TYR A 348 -1.90 -15.32 13.87
CA TYR A 348 -0.85 -15.67 14.81
C TYR A 348 -1.30 -15.54 16.26
N ALA A 349 -2.44 -14.91 16.50
CA ALA A 349 -2.95 -14.72 17.85
C ALA A 349 -4.37 -15.25 17.94
N TRP A 350 -4.60 -16.47 17.45
CA TRP A 350 -5.94 -17.01 17.34
C TRP A 350 -6.57 -17.20 18.71
N ASN A 351 -7.89 -17.06 18.75
CA ASN A 351 -8.65 -17.23 19.98
C ASN A 351 -9.04 -18.70 20.16
N ARG A 352 -9.27 -19.08 21.41
CA ARG A 352 -9.64 -20.45 21.75
C ARG A 352 -10.77 -20.44 22.76
N LYS A 353 -11.78 -21.27 22.53
CA LYS A 353 -12.93 -21.35 23.40
C LYS A 353 -13.24 -22.81 23.73
N ARG A 354 -13.75 -23.04 24.93
CA ARG A 354 -14.10 -24.38 25.39
C ARG A 354 -15.61 -24.49 25.52
N ILE A 355 -16.16 -25.60 25.05
CA ILE A 355 -17.58 -25.92 25.18
C ILE A 355 -17.71 -27.27 25.86
N SER A 356 -18.48 -27.32 26.94
CA SER A 356 -18.69 -28.56 27.66
C SER A 356 -19.98 -28.48 28.45
N ASN A 357 -20.60 -29.65 28.67
CA ASN A 357 -21.88 -29.76 29.35
C ASN A 357 -22.94 -28.92 28.63
N CYS A 358 -23.20 -29.29 27.38
CA CYS A 358 -24.08 -28.52 26.52
C CYS A 358 -24.68 -29.41 25.46
N VAL A 359 -25.74 -28.93 24.83
CA VAL A 359 -26.39 -29.60 23.71
C VAL A 359 -25.94 -28.92 22.43
N ALA A 360 -25.24 -29.66 21.58
CA ALA A 360 -24.71 -29.12 20.34
C ALA A 360 -25.39 -29.76 19.15
N ASP A 361 -25.99 -28.94 18.29
CA ASP A 361 -26.59 -29.40 17.05
C ASP A 361 -25.77 -28.89 15.88
N TYR A 362 -25.70 -29.70 14.83
CA TYR A 362 -24.78 -29.45 13.73
C TYR A 362 -25.45 -29.37 12.38
N SER A 363 -26.60 -30.01 12.18
CA SER A 363 -27.33 -29.88 10.93
C SER A 363 -27.69 -28.42 10.66
N VAL A 364 -27.89 -27.63 11.72
CA VAL A 364 -28.08 -26.20 11.55
C VAL A 364 -26.82 -25.55 11.00
N LEU A 365 -25.65 -26.02 11.44
CA LEU A 365 -24.39 -25.55 10.86
C LEU A 365 -24.11 -26.24 9.53
N TYR A 366 -24.40 -27.54 9.45
CA TYR A 366 -24.10 -28.31 8.24
C TYR A 366 -24.95 -27.83 7.07
N ASN A 367 -26.26 -27.73 7.28
CA ASN A 367 -27.18 -27.38 6.20
C ASN A 367 -27.30 -25.87 6.08
N SER A 368 -26.17 -25.24 5.79
CA SER A 368 -26.09 -23.81 5.58
C SER A 368 -25.34 -23.54 4.28
N ALA A 369 -25.92 -22.70 3.42
CA ALA A 369 -25.26 -22.31 2.19
C ALA A 369 -24.20 -21.23 2.40
N SER A 370 -24.11 -20.68 3.62
CA SER A 370 -23.11 -19.66 3.88
C SER A 370 -21.70 -20.21 3.75
N PHE A 371 -21.47 -21.42 4.28
CA PHE A 371 -20.12 -21.96 4.37
C PHE A 371 -19.65 -22.38 2.98
N SER A 372 -18.78 -21.56 2.38
CA SER A 372 -18.23 -21.91 1.08
C SER A 372 -17.40 -23.19 1.17
N THR A 373 -16.61 -23.33 2.23
CA THR A 373 -15.82 -24.52 2.47
C THR A 373 -16.23 -25.14 3.80
N PHE A 374 -16.44 -26.45 3.80
CA PHE A 374 -16.78 -27.16 5.03
C PHE A 374 -16.41 -28.61 4.82
N LYS A 375 -15.39 -29.07 5.54
CA LYS A 375 -14.92 -30.44 5.39
C LYS A 375 -14.40 -30.92 6.74
N CYS A 376 -14.63 -32.18 7.05
CA CYS A 376 -14.32 -32.75 8.34
C CYS A 376 -13.31 -33.88 8.19
N TYR A 377 -12.85 -34.39 9.33
CA TYR A 377 -11.89 -35.49 9.37
C TYR A 377 -12.31 -36.50 10.41
N GLY A 378 -12.17 -37.78 10.07
CA GLY A 378 -12.40 -38.86 11.02
C GLY A 378 -13.83 -38.99 11.50
N VAL A 379 -14.71 -38.11 11.05
CA VAL A 379 -16.10 -38.12 11.46
C VAL A 379 -16.97 -37.87 10.23
N SER A 380 -18.05 -38.63 10.12
CA SER A 380 -19.04 -38.33 9.09
C SER A 380 -19.77 -37.04 9.45
N PRO A 381 -19.86 -36.08 8.52
CA PRO A 381 -20.53 -34.82 8.86
C PRO A 381 -21.98 -34.98 9.27
N THR A 382 -22.66 -36.03 8.79
CA THR A 382 -24.03 -36.30 9.19
C THR A 382 -24.13 -37.03 10.51
N LYS A 383 -23.04 -37.59 11.01
CA LYS A 383 -23.06 -38.46 12.17
C LYS A 383 -22.81 -37.73 13.48
N LEU A 384 -22.65 -36.40 13.45
CA LEU A 384 -22.25 -35.66 14.64
C LEU A 384 -23.25 -35.84 15.78
N ASN A 385 -24.54 -35.88 15.45
CA ASN A 385 -25.56 -35.95 16.50
C ASN A 385 -25.50 -37.25 17.29
N ASP A 386 -24.86 -38.28 16.75
CA ASP A 386 -24.76 -39.56 17.45
C ASP A 386 -23.50 -39.68 18.28
N LEU A 387 -22.62 -38.68 18.26
CA LEU A 387 -21.33 -38.76 18.92
C LEU A 387 -21.27 -37.74 20.05
N CYS A 388 -20.97 -38.21 21.26
CA CYS A 388 -20.76 -37.35 22.41
C CYS A 388 -19.27 -37.26 22.73
N PHE A 389 -18.89 -36.18 23.40
CA PHE A 389 -17.48 -35.94 23.72
C PHE A 389 -17.38 -35.22 25.05
N THR A 390 -16.22 -35.38 25.69
CA THR A 390 -15.95 -34.68 26.93
C THR A 390 -15.84 -33.18 26.70
N ASN A 391 -15.02 -32.77 25.73
CA ASN A 391 -14.74 -31.36 25.49
C ASN A 391 -14.70 -31.09 24.00
N VAL A 392 -15.09 -29.88 23.63
CA VAL A 392 -15.01 -29.39 22.26
C VAL A 392 -14.32 -28.04 22.28
N TYR A 393 -13.32 -27.87 21.42
CA TYR A 393 -12.54 -26.64 21.37
C TYR A 393 -12.77 -25.95 20.02
N ALA A 394 -13.06 -24.66 20.07
CA ALA A 394 -13.31 -23.87 18.86
C ALA A 394 -12.24 -22.81 18.74
N ASP A 395 -11.55 -22.79 17.59
CA ASP A 395 -10.49 -21.85 17.30
C ASP A 395 -10.83 -21.09 16.03
N SER A 396 -10.56 -19.79 16.02
CA SER A 396 -10.92 -18.96 14.88
C SER A 396 -9.84 -17.92 14.64
N PHE A 397 -9.75 -17.48 13.39
CA PHE A 397 -8.80 -16.45 12.97
C PHE A 397 -9.22 -15.99 11.58
N VAL A 398 -8.36 -15.20 10.94
CA VAL A 398 -8.62 -14.68 9.61
C VAL A 398 -7.36 -14.83 8.78
N ILE A 399 -7.47 -15.41 7.59
CA ILE A 399 -6.34 -15.67 6.71
C ILE A 399 -6.72 -15.28 5.29
N ARG A 400 -5.71 -15.28 4.42
CA ARG A 400 -5.91 -14.93 3.03
C ARG A 400 -6.65 -16.04 2.28
N GLY A 401 -7.35 -15.66 1.22
CA GLY A 401 -8.17 -16.57 0.46
C GLY A 401 -7.47 -17.77 -0.13
N ASP A 402 -6.43 -17.54 -0.94
CA ASP A 402 -5.71 -18.66 -1.54
C ASP A 402 -4.69 -19.22 -0.57
N GLU A 403 -5.12 -19.44 0.67
CA GLU A 403 -4.26 -20.00 1.69
C GLU A 403 -4.98 -20.98 2.60
N VAL A 404 -6.27 -21.26 2.35
CA VAL A 404 -7.01 -22.20 3.17
C VAL A 404 -6.44 -23.61 3.03
N ARG A 405 -5.81 -23.91 1.89
CA ARG A 405 -5.24 -25.23 1.68
C ARG A 405 -4.20 -25.58 2.74
N GLN A 406 -3.56 -24.57 3.32
CA GLN A 406 -2.63 -24.82 4.42
C GLN A 406 -3.33 -25.27 5.68
N ILE A 407 -4.65 -25.14 5.77
CA ILE A 407 -5.40 -25.62 6.93
C ILE A 407 -5.82 -27.04 6.60
N ALA A 408 -4.94 -27.99 6.91
CA ALA A 408 -5.15 -29.42 6.75
C ALA A 408 -4.01 -30.15 7.44
N PRO A 409 -4.30 -31.26 8.13
CA PRO A 409 -3.23 -31.95 8.86
C PRO A 409 -2.18 -32.54 7.94
N GLY A 410 -0.96 -32.01 8.01
CA GLY A 410 0.12 -32.52 7.20
C GLY A 410 0.37 -31.73 5.93
N GLN A 411 0.38 -30.41 6.04
CA GLN A 411 0.68 -29.52 4.93
C GLN A 411 1.71 -28.50 5.36
N THR A 412 2.28 -27.79 4.39
CA THR A 412 3.33 -26.82 4.63
C THR A 412 2.90 -25.45 4.12
N GLY A 413 3.65 -24.43 4.56
CA GLY A 413 3.32 -23.05 4.25
C GLY A 413 3.54 -22.17 5.46
N ASN A 414 3.39 -20.85 5.28
CA ASN A 414 3.68 -19.93 6.39
C ASN A 414 2.78 -20.20 7.58
N ILE A 415 1.48 -20.37 7.33
CA ILE A 415 0.56 -20.64 8.43
C ILE A 415 0.89 -21.97 9.09
N ALA A 416 0.99 -23.02 8.29
CA ALA A 416 1.24 -24.36 8.82
C ALA A 416 2.62 -24.50 9.47
N ASP A 417 3.53 -23.57 9.20
CA ASP A 417 4.85 -23.63 9.80
C ASP A 417 4.95 -22.78 11.07
N TYR A 418 4.66 -21.49 10.97
CA TYR A 418 4.91 -20.58 12.08
C TYR A 418 3.66 -20.04 12.75
N ASN A 419 2.46 -20.33 12.23
CA ASN A 419 1.26 -19.70 12.77
C ASN A 419 0.32 -20.70 13.42
N TYR A 420 -0.11 -21.73 12.70
CA TYR A 420 -1.10 -22.67 13.22
C TYR A 420 -0.79 -24.05 12.70
N LYS A 421 -0.72 -25.03 13.60
CA LYS A 421 -0.38 -26.39 13.24
C LYS A 421 -1.55 -27.33 13.51
N LEU A 422 -1.64 -28.37 12.68
CA LEU A 422 -2.67 -29.39 12.83
C LEU A 422 -2.03 -30.75 12.93
N PRO A 423 -2.11 -31.44 14.07
CA PRO A 423 -1.57 -32.80 14.16
C PRO A 423 -2.30 -33.74 13.22
N ASP A 424 -1.57 -34.73 12.71
CA ASP A 424 -2.16 -35.63 11.73
C ASP A 424 -3.26 -36.50 12.32
N ASP A 425 -3.23 -36.73 13.63
CA ASP A 425 -4.32 -37.44 14.28
C ASP A 425 -5.48 -36.50 14.59
N PHE A 426 -5.90 -35.74 13.59
CA PHE A 426 -6.94 -34.73 13.77
C PHE A 426 -8.32 -35.36 13.62
N THR A 427 -9.24 -34.93 14.48
CA THR A 427 -10.63 -35.39 14.43
C THR A 427 -11.54 -34.19 14.72
N GLY A 428 -12.02 -33.56 13.65
CA GLY A 428 -12.86 -32.40 13.80
C GLY A 428 -13.14 -31.80 12.44
N CYS A 429 -14.01 -30.81 12.44
CA CYS A 429 -14.43 -30.14 11.22
C CYS A 429 -13.73 -28.80 11.07
N VAL A 430 -13.56 -28.37 9.82
CA VAL A 430 -12.91 -27.11 9.48
C VAL A 430 -13.85 -26.33 8.58
N ILE A 431 -14.13 -25.09 8.95
CA ILE A 431 -15.08 -24.25 8.23
C ILE A 431 -14.36 -23.00 7.75
N ALA A 432 -14.80 -22.47 6.61
CA ALA A 432 -14.21 -21.25 6.07
C ALA A 432 -15.15 -20.67 5.04
N TRP A 433 -15.49 -19.38 5.19
CA TRP A 433 -16.34 -18.68 4.25
C TRP A 433 -15.79 -17.28 4.02
N ASN A 434 -16.07 -16.76 2.82
CA ASN A 434 -15.53 -15.46 2.44
C ASN A 434 -16.22 -14.35 3.23
N SER A 435 -15.41 -13.50 3.87
CA SER A 435 -15.94 -12.41 4.67
C SER A 435 -15.44 -11.08 4.12
N ASN A 436 -15.49 -10.91 2.80
CA ASN A 436 -15.02 -9.68 2.19
C ASN A 436 -15.80 -8.47 2.68
N ASN A 437 -17.11 -8.61 2.81
CA ASN A 437 -17.96 -7.49 3.20
C ASN A 437 -17.95 -7.22 4.69
N LEU A 438 -17.02 -7.80 5.44
CA LEU A 438 -16.98 -7.59 6.88
C LEU A 438 -15.62 -7.09 7.35
N ASP A 439 -14.55 -7.47 6.66
CA ASP A 439 -13.21 -7.18 7.14
C ASP A 439 -12.42 -6.22 6.25
N SER A 440 -12.51 -6.36 4.93
CA SER A 440 -11.77 -5.47 4.06
C SER A 440 -12.37 -4.07 4.08
N LYS A 441 -11.50 -3.07 3.92
CA LYS A 441 -11.90 -1.67 4.00
C LYS A 441 -11.22 -0.92 2.86
N VAL A 442 -11.85 0.19 2.44
CA VAL A 442 -11.31 0.99 1.36
C VAL A 442 -9.95 1.56 1.76
N GLY A 443 -9.01 1.55 0.82
CA GLY A 443 -7.68 2.04 1.12
C GLY A 443 -6.91 1.21 2.11
N GLY A 444 -7.05 -0.11 2.05
CA GLY A 444 -6.29 -0.98 2.92
C GLY A 444 -6.86 -1.12 4.31
N ASN A 445 -6.78 -2.31 4.87
CA ASN A 445 -7.13 -2.59 6.26
C ASN A 445 -5.91 -3.21 6.93
N TYR A 446 -5.29 -2.47 7.83
CA TYR A 446 -4.00 -2.84 8.41
C TYR A 446 -4.12 -3.36 9.82
N ASN A 447 -5.17 -4.14 10.11
CA ASN A 447 -5.41 -4.62 11.46
C ASN A 447 -5.16 -6.11 11.64
N TYR A 448 -4.70 -6.81 10.60
CA TYR A 448 -4.49 -8.24 10.66
C TYR A 448 -3.05 -8.56 10.31
N LEU A 449 -2.41 -9.39 11.14
CA LEU A 449 -0.99 -9.70 11.01
C LEU A 449 -0.79 -11.20 10.83
N TYR A 450 0.47 -11.60 10.66
CA TYR A 450 0.85 -13.00 10.56
C TYR A 450 2.36 -13.08 10.67
N ARG A 451 2.85 -14.12 11.34
CA ARG A 451 4.28 -14.24 11.56
C ARG A 451 4.97 -14.68 10.27
N LEU A 452 6.25 -14.31 10.16
CA LEU A 452 7.02 -14.59 8.95
C LEU A 452 8.36 -15.25 9.29
N PHE A 453 8.85 -15.03 10.50
CA PHE A 453 10.13 -15.58 10.92
C PHE A 453 9.99 -16.23 12.29
N ARG A 454 10.56 -17.43 12.41
CA ARG A 454 10.63 -18.11 13.69
C ARG A 454 11.69 -19.20 13.59
N LYS A 455 12.42 -19.42 14.69
CA LYS A 455 13.56 -20.32 14.65
C LYS A 455 13.14 -21.74 14.31
N SER A 456 12.09 -22.24 14.95
CA SER A 456 11.67 -23.62 14.77
C SER A 456 10.16 -23.68 14.57
N ASN A 457 9.71 -24.74 13.93
CA ASN A 457 8.29 -24.92 13.66
C ASN A 457 7.51 -25.02 14.98
N LEU A 458 6.19 -24.91 14.85
CA LEU A 458 5.33 -24.99 16.02
C LEU A 458 5.03 -26.45 16.36
N LYS A 459 4.32 -26.62 17.47
CA LYS A 459 3.77 -27.89 17.91
C LYS A 459 2.26 -27.88 17.77
N PRO A 460 1.62 -29.04 17.69
CA PRO A 460 0.16 -29.05 17.50
C PRO A 460 -0.56 -28.26 18.58
N PHE A 461 -1.53 -27.45 18.15
CA PHE A 461 -2.36 -26.64 19.04
C PHE A 461 -1.52 -25.76 19.96
N GLU A 462 -0.49 -25.12 19.38
CA GLU A 462 0.40 -24.25 20.15
C GLU A 462 0.53 -22.91 19.44
N ARG A 463 0.57 -21.84 20.22
CA ARG A 463 0.65 -20.50 19.67
C ARG A 463 1.60 -19.64 20.50
N ASP A 464 2.14 -18.61 19.85
CA ASP A 464 2.99 -17.64 20.53
C ASP A 464 2.61 -16.22 20.13
N ILE A 465 2.88 -15.29 21.02
CA ILE A 465 2.54 -13.88 20.81
C ILE A 465 3.76 -12.97 20.82
N SER A 466 4.89 -13.44 21.35
CA SER A 466 6.05 -12.56 21.54
C SER A 466 6.52 -11.99 20.21
N THR A 467 6.98 -10.74 20.26
CA THR A 467 7.39 -9.99 19.08
C THR A 467 8.86 -9.60 19.18
N GLU A 468 9.71 -10.54 19.59
CA GLU A 468 11.14 -10.28 19.66
C GLU A 468 11.72 -10.23 18.25
N ILE A 469 12.72 -9.37 18.07
CA ILE A 469 13.34 -9.20 16.76
C ILE A 469 14.06 -10.48 16.37
N TYR A 470 13.81 -10.94 15.15
CA TYR A 470 14.33 -12.21 14.68
C TYR A 470 15.85 -12.15 14.51
N GLN A 471 16.48 -13.30 14.65
CA GLN A 471 17.92 -13.46 14.46
C GLN A 471 18.18 -14.38 13.29
N ALA A 472 18.98 -13.92 12.33
CA ALA A 472 19.24 -14.70 11.13
C ALA A 472 20.72 -14.99 10.91
N GLY A 473 21.58 -14.65 11.86
CA GLY A 473 23.00 -14.92 11.72
C GLY A 473 23.68 -15.12 13.06
N SER A 474 24.99 -15.38 13.04
CA SER A 474 25.72 -15.61 14.27
C SER A 474 25.98 -14.34 15.07
N THR A 475 25.73 -13.17 14.49
CA THR A 475 26.01 -11.91 15.15
C THR A 475 24.76 -11.40 15.86
N PRO A 476 24.79 -11.22 17.19
CA PRO A 476 23.61 -10.71 17.89
C PRO A 476 23.54 -9.20 17.84
N CYS A 477 22.32 -8.68 17.66
CA CYS A 477 22.10 -7.25 17.53
C CYS A 477 21.44 -6.61 18.75
N ASN A 478 20.70 -7.38 19.55
CA ASN A 478 20.14 -6.91 20.82
C ASN A 478 19.16 -5.77 20.61
N GLY A 479 18.08 -6.07 19.88
CA GLY A 479 16.95 -5.16 19.81
C GLY A 479 17.08 -3.98 18.88
N VAL A 480 17.86 -4.10 17.81
CA VAL A 480 17.94 -3.08 16.77
C VAL A 480 17.60 -3.75 15.44
N LYS A 481 16.75 -3.09 14.66
CA LYS A 481 16.26 -3.66 13.40
C LYS A 481 17.18 -3.26 12.24
N GLY A 482 18.46 -3.58 12.40
CA GLY A 482 19.43 -3.28 11.37
C GLY A 482 19.52 -4.38 10.33
N PHE A 483 20.72 -4.89 10.08
CA PHE A 483 20.90 -6.00 9.15
C PHE A 483 20.80 -7.32 9.88
N ASN A 484 20.21 -8.31 9.20
CA ASN A 484 20.05 -9.66 9.75
C ASN A 484 19.28 -9.65 11.07
N CYS A 485 18.41 -8.66 11.26
CA CYS A 485 17.58 -8.56 12.46
C CYS A 485 16.27 -7.92 12.02
N TYR A 486 15.26 -8.75 11.78
CA TYR A 486 14.03 -8.31 11.14
C TYR A 486 12.86 -8.43 12.11
N PHE A 487 11.95 -7.47 12.04
CA PHE A 487 10.72 -7.54 12.81
C PHE A 487 9.84 -8.63 12.22
N PRO A 488 9.39 -9.60 12.99
CA PRO A 488 8.82 -10.82 12.40
C PRO A 488 7.33 -10.76 12.10
N LEU A 489 6.73 -9.57 12.06
CA LEU A 489 5.30 -9.44 11.85
C LEU A 489 5.02 -8.51 10.69
N GLN A 490 4.15 -8.96 9.77
CA GLN A 490 3.71 -8.15 8.65
C GLN A 490 2.18 -8.15 8.60
N SER A 491 1.64 -7.14 7.95
CA SER A 491 0.20 -6.95 7.86
C SER A 491 -0.33 -7.47 6.53
N TYR A 492 -1.58 -7.96 6.55
CA TYR A 492 -2.20 -8.42 5.32
C TYR A 492 -2.58 -7.26 4.42
N GLY A 493 -3.18 -6.21 4.99
CA GLY A 493 -3.63 -5.08 4.21
C GLY A 493 -4.73 -5.45 3.23
N PHE A 494 -5.90 -5.83 3.75
CA PHE A 494 -7.00 -6.25 2.90
C PHE A 494 -7.65 -5.04 2.24
N GLN A 495 -8.30 -5.30 1.12
CA GLN A 495 -8.89 -4.24 0.31
C GLN A 495 -10.03 -4.83 -0.52
N PRO A 496 -11.21 -4.21 -0.51
CA PRO A 496 -12.40 -4.86 -1.07
C PRO A 496 -12.43 -4.94 -2.59
N THR A 497 -11.38 -4.54 -3.29
CA THR A 497 -11.34 -4.66 -4.74
C THR A 497 -10.26 -5.64 -5.21
N TYR A 498 -9.61 -6.35 -4.30
CA TYR A 498 -8.55 -7.27 -4.66
C TYR A 498 -9.12 -8.49 -5.38
N GLY A 499 -8.21 -9.28 -5.94
CA GLY A 499 -8.62 -10.53 -6.55
C GLY A 499 -9.13 -11.51 -5.50
N VAL A 500 -9.99 -12.43 -5.95
CA VAL A 500 -10.62 -13.38 -5.04
C VAL A 500 -9.58 -14.24 -4.34
N GLY A 501 -8.42 -14.42 -4.96
CA GLY A 501 -7.34 -15.14 -4.30
C GLY A 501 -6.86 -14.46 -3.04
N TYR A 502 -6.78 -13.13 -3.07
CA TYR A 502 -6.31 -12.37 -1.92
C TYR A 502 -7.43 -11.93 -0.98
N GLN A 503 -8.68 -12.20 -1.34
CA GLN A 503 -9.79 -11.76 -0.50
C GLN A 503 -9.76 -12.48 0.84
N PRO A 504 -10.16 -11.81 1.92
CA PRO A 504 -10.05 -12.40 3.25
C PRO A 504 -11.03 -13.55 3.44
N TYR A 505 -10.69 -14.40 4.40
CA TYR A 505 -11.51 -15.56 4.74
C TYR A 505 -11.46 -15.81 6.23
N ARG A 506 -12.62 -15.97 6.85
CA ARG A 506 -12.68 -16.37 8.24
C ARG A 506 -12.66 -17.89 8.32
N VAL A 507 -12.06 -18.41 9.38
CA VAL A 507 -11.87 -19.84 9.55
C VAL A 507 -12.26 -20.21 10.96
N VAL A 508 -12.98 -21.32 11.10
CA VAL A 508 -13.32 -21.88 12.40
C VAL A 508 -12.92 -23.34 12.41
N VAL A 509 -12.17 -23.75 13.41
CA VAL A 509 -11.62 -25.10 13.49
C VAL A 509 -12.16 -25.78 14.74
N LEU A 510 -12.70 -26.97 14.58
CA LEU A 510 -13.28 -27.74 15.67
C LEU A 510 -12.40 -28.94 15.98
N SER A 511 -12.10 -29.14 17.26
CA SER A 511 -11.35 -30.30 17.73
C SER A 511 -12.16 -30.99 18.80
N PHE A 512 -12.05 -32.31 18.88
CA PHE A 512 -12.93 -33.11 19.69
C PHE A 512 -12.15 -33.85 20.78
N GLU A 513 -12.86 -34.71 21.50
CA GLU A 513 -12.29 -35.51 22.57
C GLU A 513 -11.41 -36.63 22.03
N GLU B 1 -29.37 2.99 4.94
CA GLU B 1 -29.25 2.90 3.49
C GLU B 1 -30.38 3.62 2.78
N LEU B 2 -31.43 3.96 3.53
CA LEU B 2 -32.56 4.66 2.94
C LEU B 2 -32.24 6.16 2.92
N GLN B 3 -33.26 6.98 2.70
CA GLN B 3 -33.12 8.41 2.44
C GLN B 3 -32.12 9.11 3.35
N LEU B 4 -31.36 10.03 2.76
CA LEU B 4 -30.48 10.95 3.47
C LEU B 4 -31.02 12.36 3.31
N VAL B 5 -30.86 13.18 4.35
CA VAL B 5 -31.35 14.55 4.33
C VAL B 5 -30.22 15.49 4.76
N GLN B 6 -30.12 16.62 4.09
CA GLN B 6 -29.11 17.64 4.37
C GLN B 6 -29.79 18.97 4.69
N SER B 7 -29.05 19.83 5.41
CA SER B 7 -29.60 21.05 5.98
C SER B 7 -29.27 22.24 5.10
N GLY B 8 -30.28 22.79 4.43
CA GLY B 8 -30.09 23.85 3.45
C GLY B 8 -29.38 25.08 3.98
N ALA B 9 -28.14 25.27 3.56
CA ALA B 9 -27.29 26.35 4.05
C ALA B 9 -27.53 27.61 3.23
N GLU B 10 -26.75 28.65 3.52
CA GLU B 10 -26.94 29.95 2.91
C GLU B 10 -25.60 30.68 2.97
N VAL B 11 -25.62 32.00 2.70
CA VAL B 11 -24.37 32.74 2.58
C VAL B 11 -23.66 32.79 3.92
N LYS B 12 -22.34 32.94 3.86
CA LYS B 12 -21.52 33.28 5.00
C LYS B 12 -20.67 34.49 4.64
N LYS B 13 -19.91 34.98 5.61
CA LYS B 13 -18.92 36.01 5.37
C LYS B 13 -17.64 35.36 4.87
N PRO B 14 -16.61 36.14 4.54
CA PRO B 14 -15.29 35.55 4.30
C PRO B 14 -14.89 34.68 5.48
N GLY B 15 -13.99 33.74 5.20
CA GLY B 15 -13.88 32.48 5.93
C GLY B 15 -14.20 32.44 7.41
N GLU B 16 -15.10 31.53 7.76
CA GLU B 16 -15.37 31.12 9.14
C GLU B 16 -15.53 29.61 9.14
N SER B 17 -16.07 29.06 10.21
CA SER B 17 -16.28 27.62 10.32
C SER B 17 -17.75 27.28 10.10
N LEU B 18 -17.99 26.18 9.40
CA LEU B 18 -19.33 25.69 9.12
C LEU B 18 -19.40 24.21 9.45
N LYS B 19 -20.63 23.71 9.53
CA LYS B 19 -20.89 22.30 9.74
C LYS B 19 -21.99 21.86 8.78
N ILE B 20 -21.68 20.85 7.97
CA ILE B 20 -22.61 20.32 6.98
C ILE B 20 -23.08 18.96 7.46
N SER B 21 -24.38 18.73 7.41
CA SER B 21 -25.01 17.61 8.11
C SER B 21 -25.76 16.72 7.12
N CYS B 22 -25.28 15.50 6.92
CA CYS B 22 -26.05 14.46 6.25
C CYS B 22 -26.84 13.70 7.32
N LYS B 23 -27.53 12.62 6.92
CA LYS B 23 -28.34 11.87 7.85
C LYS B 23 -28.29 10.40 7.50
N TYR B 24 -29.00 9.58 8.28
CA TYR B 24 -29.18 8.17 8.00
C TYR B 24 -30.67 7.89 7.95
N SER B 25 -31.03 6.65 7.63
CA SER B 25 -32.39 6.18 7.87
C SER B 25 -32.42 4.93 8.73
N GLY B 26 -31.69 3.90 8.36
CA GLY B 26 -31.74 2.65 9.09
C GLY B 26 -31.26 1.51 8.23
N ASN B 27 -31.63 0.29 8.65
CA ASN B 27 -31.25 -0.98 8.04
C ASN B 27 -29.86 -0.91 7.44
N ILE B 28 -28.91 -0.43 8.21
CA ILE B 28 -27.55 -0.17 7.73
C ILE B 28 -26.74 -1.46 7.76
N SER B 29 -25.70 -1.50 6.94
CA SER B 29 -24.84 -2.67 6.83
C SER B 29 -23.70 -2.59 7.84
N PRO B 30 -23.04 -3.73 8.12
CA PRO B 30 -21.86 -3.70 9.00
C PRO B 30 -20.76 -2.77 8.52
N ASN B 31 -20.25 -2.95 7.31
CA ASN B 31 -19.33 -1.99 6.73
C ASN B 31 -20.13 -0.88 6.08
N PHE B 32 -19.77 0.36 6.39
CA PHE B 32 -20.79 1.41 6.42
C PHE B 32 -20.32 2.75 5.87
N TRP B 33 -19.28 2.80 5.06
CA TRP B 33 -18.65 4.08 4.75
C TRP B 33 -19.63 5.03 4.09
N ILE B 34 -19.43 6.32 4.36
CA ILE B 34 -20.19 7.40 3.74
C ILE B 34 -19.21 8.46 3.27
N GLY B 35 -19.33 8.89 2.01
CA GLY B 35 -18.40 9.79 1.40
C GLY B 35 -19.01 11.17 1.13
N TRP B 36 -18.16 12.08 0.66
CA TRP B 36 -18.58 13.45 0.39
C TRP B 36 -18.03 13.89 -0.96
N VAL B 37 -18.91 14.39 -1.82
CA VAL B 37 -18.56 14.79 -3.19
C VAL B 37 -19.02 16.22 -3.41
N ARG B 38 -18.24 16.99 -4.16
CA ARG B 38 -18.56 18.38 -4.42
C ARG B 38 -18.54 18.68 -5.91
N GLN B 39 -19.32 19.68 -6.29
CA GLN B 39 -19.51 20.04 -7.69
C GLN B 39 -19.39 21.55 -7.84
N MET B 40 -18.35 22.01 -8.55
CA MET B 40 -18.22 23.41 -8.87
C MET B 40 -19.43 23.90 -9.66
N ALA B 41 -19.53 25.22 -9.81
CA ALA B 41 -20.59 25.79 -10.62
C ALA B 41 -20.42 25.36 -12.06
N GLY B 42 -21.29 24.46 -12.53
CA GLY B 42 -21.23 24.00 -13.90
C GLY B 42 -19.94 23.29 -14.27
N LYS B 43 -19.48 22.38 -13.41
CA LYS B 43 -18.27 21.61 -13.68
C LYS B 43 -18.47 20.18 -13.19
N GLY B 44 -17.44 19.37 -13.38
CA GLY B 44 -17.48 17.98 -12.98
C GLY B 44 -17.36 17.83 -11.47
N LEU B 45 -17.49 16.58 -11.03
CA LEU B 45 -17.53 16.25 -9.62
C LEU B 45 -16.15 15.83 -9.12
N GLU B 46 -15.85 16.18 -7.88
CA GLU B 46 -14.56 15.91 -7.27
C GLU B 46 -14.76 15.24 -5.93
N TRP B 47 -14.06 14.14 -5.70
CA TRP B 47 -14.19 13.40 -4.46
C TRP B 47 -13.36 14.05 -3.35
N MET B 48 -13.80 13.84 -2.12
CA MET B 48 -13.09 14.37 -0.95
C MET B 48 -12.52 13.27 -0.06
N GLY B 49 -13.39 12.40 0.45
CA GLY B 49 -12.95 11.39 1.39
C GLY B 49 -14.15 10.70 2.00
N ILE B 50 -13.86 9.58 2.65
CA ILE B 50 -14.92 8.72 3.20
C ILE B 50 -14.60 8.46 4.67
N ILE B 51 -15.64 8.09 5.41
CA ILE B 51 -15.51 7.80 6.83
C ILE B 51 -16.32 6.55 7.15
N TYR B 52 -15.74 5.66 7.94
CA TYR B 52 -16.45 4.48 8.41
C TYR B 52 -16.98 4.80 9.80
N PRO B 53 -18.29 5.01 9.97
CA PRO B 53 -18.79 5.57 11.24
C PRO B 53 -18.39 4.76 12.47
N ASP B 54 -18.42 3.44 12.39
CA ASP B 54 -17.92 2.61 13.48
C ASP B 54 -16.41 2.46 13.36
N ASP B 55 -15.69 2.87 14.40
CA ASP B 55 -14.23 2.97 14.38
C ASP B 55 -13.77 3.89 13.25
N SER B 56 -14.13 5.17 13.42
CA SER B 56 -13.95 6.17 12.38
C SER B 56 -12.50 6.24 11.91
N ASP B 57 -12.32 6.28 10.59
CA ASP B 57 -11.01 6.38 9.98
C ASP B 57 -10.78 7.67 9.22
N SER B 58 -11.79 8.15 8.48
CA SER B 58 -11.72 9.45 7.81
C SER B 58 -10.52 9.55 6.88
N ARG B 59 -10.44 8.62 5.94
CA ARG B 59 -9.38 8.66 4.94
C ARG B 59 -9.66 9.75 3.92
N TYR B 60 -8.66 10.56 3.62
CA TYR B 60 -8.83 11.75 2.80
C TYR B 60 -8.09 11.60 1.47
N SER B 61 -8.71 12.09 0.41
CA SER B 61 -7.98 12.34 -0.82
C SER B 61 -7.06 13.53 -0.61
N PRO B 62 -5.94 13.59 -1.34
CA PRO B 62 -4.94 14.63 -1.04
C PRO B 62 -5.42 16.03 -1.39
N SER B 63 -6.43 16.49 -0.67
CA SER B 63 -6.84 17.90 -0.72
C SER B 63 -7.26 18.33 0.68
N PHE B 64 -6.79 17.60 1.70
CA PHE B 64 -7.28 17.73 3.07
C PHE B 64 -6.56 18.88 3.76
N GLN B 65 -7.08 20.09 3.55
CA GLN B 65 -6.68 21.26 4.34
C GLN B 65 -7.85 21.87 5.07
N GLY B 66 -8.99 22.03 4.40
CA GLY B 66 -10.23 22.46 5.03
C GLY B 66 -11.24 21.34 4.98
N GLN B 67 -10.78 20.13 5.28
CA GLN B 67 -11.55 18.92 5.05
C GLN B 67 -11.40 18.05 6.30
N VAL B 68 -12.31 18.21 7.27
CA VAL B 68 -12.28 17.43 8.50
C VAL B 68 -13.58 16.64 8.53
N ILE B 69 -13.54 15.41 8.02
CA ILE B 69 -14.73 14.57 7.92
C ILE B 69 -14.83 13.74 9.19
N ILE B 70 -15.78 14.08 10.04
CA ILE B 70 -16.02 13.35 11.28
C ILE B 70 -17.51 13.09 11.43
N SER B 71 -17.88 11.84 11.67
CA SER B 71 -19.25 11.55 12.07
C SER B 71 -19.56 12.16 13.43
N ALA B 72 -18.63 11.99 14.37
CA ALA B 72 -18.63 12.63 15.68
C ALA B 72 -19.80 12.21 16.57
N ASP B 73 -20.70 11.37 16.07
CA ASP B 73 -21.82 10.91 16.88
C ASP B 73 -22.59 9.84 16.13
N LYS B 74 -23.17 8.92 16.89
CA LYS B 74 -24.28 8.11 16.44
C LYS B 74 -25.60 8.60 17.01
N SER B 75 -25.58 9.71 17.75
CA SER B 75 -26.76 10.15 18.48
C SER B 75 -27.91 10.47 17.53
N ILE B 76 -27.66 11.32 16.54
CA ILE B 76 -28.64 11.65 15.53
C ILE B 76 -28.29 11.02 14.18
N THR B 77 -27.34 10.09 14.17
CA THR B 77 -27.00 9.30 12.99
C THR B 77 -26.62 10.21 11.82
N THR B 78 -25.58 11.01 12.05
CA THR B 78 -25.12 12.00 11.08
C THR B 78 -23.66 11.76 10.74
N ALA B 79 -23.20 12.44 9.69
CA ALA B 79 -21.86 12.26 9.15
C ALA B 79 -21.22 13.62 8.87
N LEU B 80 -21.25 14.50 9.86
CA LEU B 80 -20.91 15.90 9.69
C LEU B 80 -19.62 16.11 8.89
N LEU B 81 -19.62 17.16 8.07
CA LEU B 81 -18.44 17.63 7.37
C LEU B 81 -18.11 19.01 7.92
N HIS B 82 -16.86 19.21 8.32
CA HIS B 82 -16.46 20.38 9.10
C HIS B 82 -15.18 20.98 8.55
N TRP B 83 -15.12 22.31 8.56
CA TRP B 83 -13.88 23.03 8.32
C TRP B 83 -13.96 24.38 9.02
N SER B 84 -12.81 25.05 9.11
CA SER B 84 -12.70 26.34 9.76
C SER B 84 -12.00 27.33 8.85
N SER B 85 -12.64 28.47 8.62
CA SER B 85 -12.03 29.61 7.93
C SER B 85 -11.57 29.25 6.52
N LEU B 86 -12.54 28.91 5.67
CA LEU B 86 -12.32 28.79 4.24
C LEU B 86 -13.11 29.90 3.55
N LYS B 87 -12.49 30.57 2.58
CA LYS B 87 -12.86 31.96 2.30
C LYS B 87 -13.60 32.15 0.98
N VAL B 88 -12.99 31.84 -0.16
CA VAL B 88 -13.62 32.27 -1.42
C VAL B 88 -13.72 31.13 -2.43
N SER B 89 -12.81 30.17 -2.35
CA SER B 89 -12.70 29.19 -3.41
C SER B 89 -13.80 28.15 -3.38
N ASP B 90 -14.22 27.72 -2.19
CA ASP B 90 -15.11 26.58 -2.04
C ASP B 90 -16.58 27.02 -1.96
N THR B 91 -17.01 27.74 -2.98
CA THR B 91 -18.43 28.04 -3.17
C THR B 91 -18.96 27.00 -4.14
N ALA B 92 -19.64 25.99 -3.62
CA ALA B 92 -19.98 24.82 -4.42
C ALA B 92 -21.27 24.20 -3.89
N LYS B 93 -21.50 22.95 -4.25
CA LYS B 93 -22.65 22.19 -3.78
C LYS B 93 -22.15 20.79 -3.42
N TYR B 94 -22.41 20.35 -2.19
CA TYR B 94 -21.77 19.17 -1.63
C TYR B 94 -22.79 18.06 -1.43
N TYR B 95 -22.53 16.89 -2.00
CA TYR B 95 -23.39 15.72 -1.88
C TYR B 95 -22.76 14.70 -0.96
N CYS B 96 -23.59 13.99 -0.19
CA CYS B 96 -23.16 12.88 0.63
C CYS B 96 -23.66 11.58 0.01
N VAL B 97 -22.79 10.60 -0.14
CA VAL B 97 -23.08 9.36 -0.84
C VAL B 97 -22.93 8.20 0.13
N TYR B 98 -23.85 7.23 0.05
CA TYR B 98 -23.84 6.09 0.93
C TYR B 98 -22.94 5.00 0.35
N GLY B 99 -22.82 3.89 1.07
CA GLY B 99 -22.02 2.78 0.59
C GLY B 99 -22.15 1.61 1.52
N SER B 100 -21.48 0.51 1.17
CA SER B 100 -21.51 -0.70 1.96
C SER B 100 -20.34 -1.59 1.54
N GLY B 101 -20.33 -2.83 2.05
CA GLY B 101 -19.38 -3.81 1.60
C GLY B 101 -19.83 -4.49 0.33
N SER B 102 -19.04 -5.47 -0.12
CA SER B 102 -19.38 -6.24 -1.31
C SER B 102 -19.59 -5.31 -2.49
N PRO B 103 -18.53 -4.87 -3.18
CA PRO B 103 -18.59 -3.63 -3.96
C PRO B 103 -19.59 -3.65 -5.09
N SER B 104 -20.84 -3.80 -4.70
CA SER B 104 -22.01 -3.46 -5.48
C SER B 104 -22.89 -2.62 -4.56
N ASN B 105 -23.88 -1.96 -5.14
CA ASN B 105 -24.82 -1.11 -4.42
C ASN B 105 -24.15 -0.15 -3.45
N TRP B 106 -22.90 0.24 -3.71
CA TRP B 106 -22.31 1.34 -2.95
C TRP B 106 -23.02 2.66 -3.20
N PHE B 107 -22.97 3.17 -4.43
CA PHE B 107 -23.31 4.56 -4.68
C PHE B 107 -24.80 4.77 -4.88
N HIS B 108 -25.65 3.88 -4.35
CA HIS B 108 -27.07 3.97 -4.67
C HIS B 108 -27.73 5.19 -4.06
N PRO B 109 -27.80 5.35 -2.73
CA PRO B 109 -28.41 6.56 -2.17
C PRO B 109 -27.39 7.68 -2.22
N TRP B 110 -27.59 8.62 -3.14
CA TRP B 110 -26.49 9.48 -3.54
C TRP B 110 -26.78 10.90 -3.07
N GLY B 111 -27.21 11.05 -1.83
CA GLY B 111 -27.72 12.32 -1.37
C GLY B 111 -29.11 12.53 -1.94
N GLN B 112 -29.72 13.67 -1.56
CA GLN B 112 -31.08 13.95 -2.00
C GLN B 112 -31.16 15.18 -2.90
N GLY B 113 -30.72 16.33 -2.42
CA GLY B 113 -30.60 17.56 -3.16
C GLY B 113 -29.91 18.46 -2.19
N THR B 114 -28.80 19.07 -2.58
CA THR B 114 -27.82 19.37 -1.56
C THR B 114 -27.38 20.83 -1.49
N LEU B 115 -26.30 21.07 -0.75
CA LEU B 115 -26.14 22.30 -0.02
C LEU B 115 -25.35 23.30 -0.86
N VAL B 116 -26.04 24.34 -1.33
CA VAL B 116 -25.37 25.38 -2.10
C VAL B 116 -24.66 26.31 -1.14
N THR B 117 -23.40 26.00 -0.83
CA THR B 117 -22.63 26.82 0.09
C THR B 117 -22.15 28.08 -0.61
N VAL B 118 -22.48 29.23 -0.05
CA VAL B 118 -22.03 30.52 -0.55
C VAL B 118 -21.06 31.11 0.45
N SER B 119 -19.87 31.47 -0.02
CA SER B 119 -18.78 31.91 0.85
C SER B 119 -18.65 33.42 0.92
N SER B 120 -18.58 34.09 -0.22
CA SER B 120 -18.40 35.53 -0.23
C SER B 120 -19.72 36.25 0.03
N GLU C 1 -2.55 9.08 -9.62
CA GLU C 1 -3.81 9.58 -10.14
C GLU C 1 -3.96 9.23 -11.61
N VAL C 2 -5.17 8.83 -12.00
CA VAL C 2 -5.47 8.45 -13.37
C VAL C 2 -6.54 9.39 -13.91
N VAL C 3 -6.28 9.97 -15.07
CA VAL C 3 -7.22 10.92 -15.67
C VAL C 3 -8.25 10.14 -16.47
N MET C 4 -9.53 10.40 -16.20
CA MET C 4 -10.61 9.70 -16.88
C MET C 4 -11.17 10.58 -17.99
N THR C 5 -10.43 10.61 -19.09
CA THR C 5 -10.81 11.43 -20.23
C THR C 5 -12.08 10.88 -20.87
N GLN C 6 -12.92 11.77 -21.39
CA GLN C 6 -14.20 11.39 -21.95
C GLN C 6 -14.39 12.10 -23.29
N SER C 7 -14.74 11.33 -24.31
CA SER C 7 -14.97 11.86 -25.65
C SER C 7 -16.25 11.29 -26.22
N PRO C 8 -17.00 12.08 -27.01
CA PRO C 8 -16.75 13.50 -27.29
C PRO C 8 -17.27 14.40 -26.18
N ALA C 9 -16.90 15.68 -26.23
CA ALA C 9 -17.36 16.62 -25.21
C ALA C 9 -18.88 16.77 -25.27
N THR C 10 -19.44 16.85 -26.47
CA THR C 10 -20.89 16.89 -26.66
C THR C 10 -21.27 15.90 -27.75
N LEU C 11 -22.52 15.46 -27.71
CA LEU C 11 -23.00 14.42 -28.62
C LEU C 11 -24.41 14.79 -29.07
N SER C 12 -24.49 15.53 -30.18
CA SER C 12 -25.78 15.98 -30.70
C SER C 12 -26.47 14.82 -31.42
N VAL C 13 -27.61 14.39 -30.89
CA VAL C 13 -28.32 13.23 -31.41
C VAL C 13 -29.78 13.59 -31.61
N SER C 14 -30.42 12.87 -32.53
CA SER C 14 -31.83 12.83 -32.89
C SER C 14 -32.58 11.90 -31.93
N PRO C 15 -33.86 12.16 -31.69
CA PRO C 15 -34.64 11.24 -30.83
C PRO C 15 -34.83 9.88 -31.49
N GLY C 16 -34.97 8.87 -30.65
CA GLY C 16 -35.16 7.50 -31.13
C GLY C 16 -33.92 6.77 -31.57
N GLU C 17 -33.06 7.43 -32.34
CA GLU C 17 -31.87 6.78 -32.88
C GLU C 17 -30.90 6.41 -31.76
N ARG C 18 -30.23 5.27 -31.93
CA ARG C 18 -29.25 4.82 -30.96
C ARG C 18 -28.09 5.81 -30.84
N ALA C 19 -27.59 5.97 -29.63
CA ALA C 19 -26.48 6.88 -29.36
C ALA C 19 -25.46 6.18 -28.46
N THR C 20 -24.20 6.53 -28.64
CA THR C 20 -23.10 5.84 -27.98
C THR C 20 -22.22 6.82 -27.21
N LEU C 21 -21.58 6.32 -26.16
CA LEU C 21 -20.74 7.12 -25.29
C LEU C 21 -19.41 6.41 -25.10
N SER C 22 -18.34 7.18 -24.88
CA SER C 22 -17.01 6.61 -24.75
C SER C 22 -16.25 7.29 -23.62
N CYS C 23 -15.59 6.48 -22.79
CA CYS C 23 -14.78 6.97 -21.69
C CYS C 23 -13.39 6.35 -21.77
N ARG C 24 -12.39 7.13 -21.37
CA ARG C 24 -10.99 6.76 -21.54
C ARG C 24 -10.25 6.84 -20.21
N ALA C 25 -9.37 5.88 -19.98
CA ALA C 25 -8.58 5.81 -18.75
C ALA C 25 -7.09 5.79 -19.08
N SER C 26 -6.29 6.25 -18.12
CA SER C 26 -4.84 6.30 -18.35
C SER C 26 -4.20 4.92 -18.27
N GLN C 27 -4.60 4.10 -17.32
CA GLN C 27 -4.04 2.75 -17.22
C GLN C 27 -5.11 1.81 -16.66
N SER C 28 -4.67 0.66 -16.16
CA SER C 28 -5.58 -0.45 -15.87
C SER C 28 -6.58 -0.10 -14.79
N VAL C 29 -7.85 -0.06 -15.16
CA VAL C 29 -8.98 0.04 -14.25
C VAL C 29 -9.87 -1.17 -14.53
N ARG C 30 -9.23 -2.30 -14.82
CA ARG C 30 -9.75 -3.38 -15.66
C ARG C 30 -11.25 -3.66 -15.57
N TYR C 31 -11.84 -3.63 -14.37
CA TYR C 31 -13.26 -3.95 -14.30
C TYR C 31 -14.04 -3.11 -13.31
N ASN C 32 -13.47 -2.01 -12.83
CA ASN C 32 -14.14 -1.12 -11.89
C ASN C 32 -14.49 0.17 -12.61
N LEU C 33 -15.77 0.46 -12.71
CA LEU C 33 -16.22 1.67 -13.38
C LEU C 33 -17.66 1.94 -12.95
N ALA C 34 -18.26 2.98 -13.49
CA ALA C 34 -19.64 3.33 -13.23
C ALA C 34 -20.05 4.38 -14.25
N TRP C 35 -21.35 4.63 -14.34
CA TRP C 35 -21.84 5.60 -15.29
C TRP C 35 -23.03 6.32 -14.69
N TYR C 36 -22.90 7.63 -14.52
CA TYR C 36 -23.91 8.43 -13.84
C TYR C 36 -24.75 9.20 -14.85
N GLN C 37 -25.79 9.84 -14.34
CA GLN C 37 -26.63 10.68 -15.16
C GLN C 37 -27.18 11.79 -14.27
N GLN C 38 -26.97 13.03 -14.68
CA GLN C 38 -27.33 14.19 -13.85
C GLN C 38 -28.23 15.11 -14.65
N LYS C 39 -29.54 14.91 -14.55
CA LYS C 39 -30.46 15.89 -15.09
C LYS C 39 -30.24 17.21 -14.37
N PRO C 40 -30.13 18.32 -15.09
CA PRO C 40 -29.80 19.60 -14.43
C PRO C 40 -30.80 19.94 -13.34
N GLY C 41 -30.26 20.39 -12.20
CA GLY C 41 -31.07 20.73 -11.06
C GLY C 41 -31.34 19.62 -10.06
N GLN C 42 -30.55 18.54 -10.08
CA GLN C 42 -30.74 17.44 -9.14
C GLN C 42 -29.48 16.57 -9.19
N ALA C 43 -29.43 15.58 -8.30
CA ALA C 43 -28.20 14.83 -8.03
C ALA C 43 -28.01 13.69 -9.02
N PRO C 44 -26.77 13.37 -9.37
CA PRO C 44 -26.53 12.30 -10.34
C PRO C 44 -27.02 10.95 -9.85
N ARG C 45 -27.46 10.14 -10.80
CA ARG C 45 -28.05 8.83 -10.54
C ARG C 45 -27.20 7.76 -11.17
N LEU C 46 -26.76 6.80 -10.36
CA LEU C 46 -26.01 5.67 -10.88
C LEU C 46 -26.84 4.91 -11.90
N LEU C 47 -26.20 4.47 -12.98
CA LEU C 47 -26.87 3.70 -14.02
C LEU C 47 -26.36 2.26 -14.07
N ILE C 48 -25.07 2.07 -14.29
CA ILE C 48 -24.46 0.75 -14.35
C ILE C 48 -23.28 0.73 -13.39
N TYR C 49 -22.62 -0.41 -13.31
CA TYR C 49 -21.41 -0.57 -12.53
C TYR C 49 -20.75 -1.86 -12.97
N ASP C 50 -19.53 -2.08 -12.50
CA ASP C 50 -18.71 -3.21 -12.91
C ASP C 50 -18.46 -3.21 -14.42
N ALA C 51 -18.85 -2.13 -15.10
CA ALA C 51 -18.71 -1.90 -16.54
C ALA C 51 -19.68 -2.73 -17.36
N SER C 52 -20.37 -3.68 -16.73
CA SER C 52 -21.32 -4.44 -17.53
C SER C 52 -22.70 -4.57 -16.91
N THR C 53 -22.78 -4.75 -15.59
CA THR C 53 -24.05 -5.09 -14.96
C THR C 53 -24.86 -3.83 -14.69
N ARG C 54 -26.13 -3.86 -15.07
CA ARG C 54 -27.01 -2.73 -14.83
C ARG C 54 -27.43 -2.67 -13.37
N ALA C 55 -27.82 -1.48 -12.94
CA ALA C 55 -28.31 -1.28 -11.58
C ALA C 55 -29.77 -1.73 -11.51
N THR C 56 -30.44 -1.40 -10.41
CA THR C 56 -31.81 -1.80 -10.20
C THR C 56 -32.76 -0.65 -10.55
N GLY C 57 -33.94 -1.02 -11.05
CA GLY C 57 -34.95 -0.04 -11.37
C GLY C 57 -34.63 0.87 -12.53
N ILE C 58 -33.80 0.44 -13.47
CA ILE C 58 -33.42 1.27 -14.61
C ILE C 58 -33.97 0.64 -15.88
N PRO C 59 -34.20 1.42 -16.94
CA PRO C 59 -34.67 0.84 -18.19
C PRO C 59 -33.63 -0.09 -18.79
N GLY C 60 -34.11 -1.07 -19.56
CA GLY C 60 -33.26 -2.02 -20.23
C GLY C 60 -32.56 -1.52 -21.47
N ARG C 61 -32.75 -0.24 -21.81
CA ARG C 61 -32.12 0.33 -22.99
C ARG C 61 -30.65 0.63 -22.78
N PHE C 62 -30.20 0.77 -21.53
CA PHE C 62 -28.80 1.03 -21.25
C PHE C 62 -28.02 -0.27 -21.19
N SER C 63 -26.77 -0.22 -21.63
CA SER C 63 -25.95 -1.42 -21.67
C SER C 63 -24.48 -1.01 -21.58
N GLY C 64 -23.76 -1.64 -20.65
CA GLY C 64 -22.33 -1.39 -20.53
C GLY C 64 -21.54 -2.05 -21.64
N SER C 65 -20.29 -1.65 -21.74
CA SER C 65 -19.39 -2.18 -22.77
C SER C 65 -17.96 -1.93 -22.35
N GLY C 66 -17.04 -2.58 -23.05
CA GLY C 66 -15.62 -2.34 -22.87
C GLY C 66 -15.06 -2.98 -21.61
N SER C 67 -13.76 -2.81 -21.44
CA SER C 67 -13.00 -3.29 -20.30
C SER C 67 -11.58 -2.76 -20.43
N GLY C 68 -10.78 -2.98 -19.40
CA GLY C 68 -9.41 -2.51 -19.41
C GLY C 68 -9.29 -1.01 -19.38
N THR C 69 -8.79 -0.42 -20.46
CA THR C 69 -8.59 1.03 -20.55
C THR C 69 -9.52 1.68 -21.57
N GLU C 70 -10.45 0.93 -22.14
CA GLU C 70 -11.42 1.46 -23.10
C GLU C 70 -12.80 0.98 -22.70
N PHE C 71 -13.77 1.90 -22.71
CA PHE C 71 -15.13 1.58 -22.30
C PHE C 71 -16.10 2.25 -23.25
N THR C 72 -17.39 1.99 -23.05
CA THR C 72 -18.42 2.48 -23.94
C THR C 72 -19.77 2.28 -23.27
N LEU C 73 -20.66 3.26 -23.45
CA LEU C 73 -22.04 3.15 -23.03
C LEU C 73 -22.94 3.37 -24.24
N THR C 74 -24.02 2.61 -24.31
CA THR C 74 -24.90 2.62 -25.48
C THR C 74 -26.34 2.83 -25.03
N ILE C 75 -27.03 3.76 -25.69
CA ILE C 75 -28.43 4.02 -25.46
C ILE C 75 -29.18 3.71 -26.74
N SER C 76 -30.23 2.89 -26.64
CA SER C 76 -30.92 2.38 -27.82
C SER C 76 -32.17 3.16 -28.19
N SER C 77 -32.89 3.72 -27.21
CA SER C 77 -34.15 4.43 -27.46
C SER C 77 -34.12 5.77 -26.73
N LEU C 78 -33.70 6.81 -27.43
CA LEU C 78 -33.74 8.17 -26.86
C LEU C 78 -35.18 8.62 -26.73
N GLN C 79 -35.71 8.61 -25.52
CA GLN C 79 -37.00 9.18 -25.22
C GLN C 79 -36.83 10.64 -24.85
N SER C 80 -37.90 11.25 -24.34
CA SER C 80 -37.82 12.63 -23.90
C SER C 80 -37.12 12.80 -22.56
N GLU C 81 -36.75 11.70 -21.90
CA GLU C 81 -36.20 11.77 -20.55
C GLU C 81 -34.84 11.09 -20.47
N ASP C 82 -34.01 11.29 -21.49
CA ASP C 82 -32.67 10.73 -21.48
C ASP C 82 -31.57 11.73 -21.80
N PHE C 83 -31.89 12.93 -22.27
CA PHE C 83 -30.89 13.95 -22.50
C PHE C 83 -30.42 14.55 -21.19
N ALA C 84 -29.19 14.25 -20.81
CA ALA C 84 -28.63 14.67 -19.52
C ALA C 84 -27.11 14.72 -19.69
N VAL C 85 -26.39 14.73 -18.58
CA VAL C 85 -24.93 14.74 -18.58
C VAL C 85 -24.46 13.46 -17.93
N TYR C 86 -23.53 12.76 -18.58
CA TYR C 86 -23.13 11.42 -18.18
C TYR C 86 -21.67 11.41 -17.77
N TYR C 87 -21.38 10.91 -16.57
CA TYR C 87 -20.03 10.86 -16.04
C TYR C 87 -19.59 9.42 -15.84
N CYS C 88 -18.32 9.14 -16.10
CA CYS C 88 -17.72 7.84 -15.83
C CYS C 88 -16.74 7.97 -14.68
N GLN C 89 -16.80 7.03 -13.74
CA GLN C 89 -15.99 7.09 -12.54
C GLN C 89 -15.37 5.72 -12.26
N GLN C 90 -14.09 5.70 -11.94
CA GLN C 90 -13.48 4.47 -11.45
C GLN C 90 -13.76 4.29 -9.97
N TYR C 91 -13.48 3.10 -9.45
CA TYR C 91 -13.44 2.99 -8.01
C TYR C 91 -12.35 2.04 -7.51
N ASP C 92 -11.23 1.96 -8.22
CA ASP C 92 -10.03 1.32 -7.71
C ASP C 92 -8.87 2.31 -7.70
N ASN C 93 -7.78 1.91 -7.05
CA ASN C 93 -6.64 2.81 -6.83
C ASN C 93 -7.09 4.04 -6.06
N TRP C 94 -7.46 3.79 -4.80
CA TRP C 94 -8.24 4.68 -3.96
C TRP C 94 -7.88 6.16 -3.99
N PRO C 95 -6.69 6.57 -3.53
CA PRO C 95 -6.53 7.95 -3.00
C PRO C 95 -7.18 8.99 -3.90
N PRO C 96 -6.88 9.04 -5.20
CA PRO C 96 -7.66 9.91 -6.07
C PRO C 96 -8.81 9.20 -6.79
N TRP C 97 -9.92 8.90 -6.13
CA TRP C 97 -11.09 8.48 -6.90
C TRP C 97 -11.53 9.63 -7.80
N THR C 98 -11.64 9.37 -9.10
CA THR C 98 -11.82 10.43 -10.07
C THR C 98 -13.04 10.19 -10.94
N PHE C 99 -13.64 11.27 -11.39
CA PHE C 99 -14.78 11.25 -12.29
C PHE C 99 -14.30 11.53 -13.72
N GLY C 100 -15.25 11.69 -14.64
CA GLY C 100 -14.92 12.03 -16.01
C GLY C 100 -15.20 13.49 -16.29
N GLN C 101 -15.82 13.78 -17.42
CA GLN C 101 -16.13 15.18 -17.71
C GLN C 101 -17.58 15.42 -18.07
N GLY C 102 -18.21 14.52 -18.79
CA GLY C 102 -19.60 14.70 -19.11
C GLY C 102 -19.83 14.93 -20.59
N THR C 103 -21.01 14.53 -21.07
CA THR C 103 -21.41 14.67 -22.47
C THR C 103 -22.83 15.18 -22.50
N LYS C 104 -23.01 16.46 -22.79
CA LYS C 104 -24.34 17.06 -22.78
C LYS C 104 -25.08 16.57 -24.02
N VAL C 105 -25.89 15.53 -23.84
CA VAL C 105 -26.70 15.01 -24.94
C VAL C 105 -27.88 15.94 -25.18
N GLU C 106 -28.10 16.30 -26.44
CA GLU C 106 -29.11 17.29 -26.79
C GLU C 106 -29.91 16.77 -27.97
N ILE C 107 -30.73 17.66 -28.55
CA ILE C 107 -31.66 17.28 -29.60
C ILE C 107 -31.38 18.07 -30.86
N LYS C 108 -32.19 17.84 -31.89
CA LYS C 108 -32.14 18.63 -33.12
C LYS C 108 -33.46 18.50 -33.87
N GLU D 1 21.22 -6.43 -14.97
CA GLU D 1 20.08 -6.52 -15.88
C GLU D 1 19.03 -5.46 -15.55
N VAL D 2 18.43 -5.60 -14.37
CA VAL D 2 17.31 -4.73 -14.00
C VAL D 2 17.81 -3.30 -13.87
N GLN D 3 16.94 -2.35 -14.21
CA GLN D 3 17.34 -0.96 -14.36
C GLN D 3 16.33 -0.05 -13.67
N LEU D 4 16.80 1.14 -13.31
CA LEU D 4 15.99 2.19 -12.73
C LEU D 4 16.28 3.49 -13.45
N VAL D 5 15.23 4.27 -13.72
CA VAL D 5 15.36 5.53 -14.45
C VAL D 5 14.68 6.63 -13.65
N GLU D 6 15.28 7.81 -13.67
CA GLU D 6 14.78 8.96 -12.93
C GLU D 6 14.63 10.16 -13.87
N SER D 7 13.76 11.07 -13.49
CA SER D 7 13.49 12.26 -14.29
C SER D 7 12.89 13.34 -13.40
N GLY D 8 12.92 14.57 -13.91
CA GLY D 8 12.38 15.71 -13.20
C GLY D 8 13.35 16.82 -12.91
N GLY D 9 14.62 16.69 -13.28
CA GLY D 9 15.58 17.77 -13.04
C GLY D 9 15.34 18.94 -13.97
N GLY D 10 15.59 20.14 -13.45
CA GLY D 10 15.41 21.35 -14.23
C GLY D 10 16.34 22.45 -13.72
N PHE D 11 16.36 23.55 -14.47
CA PHE D 11 17.20 24.69 -14.12
C PHE D 11 16.39 25.67 -13.27
N VAL D 12 15.85 25.14 -12.17
CA VAL D 12 14.95 25.89 -11.30
C VAL D 12 15.71 26.94 -10.51
N LYS D 13 14.98 27.84 -9.87
CA LYS D 13 15.30 28.99 -9.04
C LYS D 13 14.97 28.68 -7.58
N PRO D 14 15.77 29.15 -6.62
CA PRO D 14 15.53 28.79 -5.22
C PRO D 14 14.24 29.35 -4.65
N GLY D 15 13.99 29.06 -3.38
CA GLY D 15 12.76 29.49 -2.73
C GLY D 15 11.50 28.83 -3.26
N GLY D 16 11.54 27.52 -3.48
CA GLY D 16 10.39 26.82 -3.98
C GLY D 16 10.39 25.34 -3.64
N SER D 17 9.99 24.50 -4.60
CA SER D 17 9.98 23.07 -4.39
C SER D 17 10.10 22.38 -5.75
N LEU D 18 10.45 21.10 -5.71
CA LEU D 18 10.63 20.31 -6.91
C LEU D 18 10.22 18.87 -6.59
N ARG D 19 9.79 18.15 -7.61
CA ARG D 19 9.37 16.76 -7.46
C ARG D 19 10.19 15.90 -8.39
N LEU D 20 10.89 14.91 -7.82
CA LEU D 20 11.70 13.97 -8.57
C LEU D 20 11.07 12.59 -8.53
N SER D 21 11.31 11.81 -9.58
CA SER D 21 10.68 10.51 -9.74
C SER D 21 11.73 9.46 -10.08
N CYS D 22 11.34 8.20 -9.88
CA CYS D 22 12.16 7.05 -10.26
C CYS D 22 11.22 5.89 -10.54
N ALA D 23 11.37 5.25 -11.69
CA ALA D 23 10.47 4.18 -12.12
C ALA D 23 11.24 2.87 -12.19
N ALA D 24 10.75 1.87 -11.48
CA ALA D 24 11.38 0.55 -11.50
C ALA D 24 11.01 -0.19 -12.78
N SER D 25 11.80 -1.21 -13.10
CA SER D 25 11.62 -1.96 -14.33
C SER D 25 11.26 -3.42 -14.10
N GLY D 26 12.07 -4.16 -13.35
CA GLY D 26 11.90 -5.60 -13.27
C GLY D 26 11.91 -6.19 -11.88
N PHE D 27 11.76 -5.35 -10.87
CA PHE D 27 11.67 -5.84 -9.50
C PHE D 27 10.35 -6.57 -9.29
N LYS D 28 10.18 -7.07 -8.07
CA LYS D 28 8.84 -7.20 -7.49
C LYS D 28 8.64 -5.95 -6.63
N PHE D 29 8.50 -4.82 -7.33
CA PHE D 29 8.67 -3.52 -6.72
C PHE D 29 7.64 -3.24 -5.63
N SER D 30 6.52 -3.97 -5.62
CA SER D 30 5.50 -3.75 -4.60
C SER D 30 6.06 -3.95 -3.20
N ASP D 31 7.02 -4.87 -3.04
CA ASP D 31 7.61 -5.17 -1.73
C ASP D 31 9.14 -5.15 -1.81
N ALA D 32 9.69 -3.94 -1.69
CA ALA D 32 11.13 -3.76 -1.64
C ALA D 32 11.39 -2.41 -1.01
N TRP D 33 12.62 -2.20 -0.56
CA TRP D 33 13.01 -0.97 0.12
C TRP D 33 13.97 -0.20 -0.76
N MET D 34 13.66 1.07 -1.00
CA MET D 34 14.39 1.87 -1.97
C MET D 34 14.98 3.10 -1.29
N ASN D 35 16.01 3.66 -1.92
CA ASN D 35 16.83 4.70 -1.31
C ASN D 35 17.10 5.79 -2.32
N TRP D 36 17.40 6.98 -1.81
CA TRP D 36 17.90 8.08 -2.61
C TRP D 36 19.28 8.47 -2.10
N VAL D 37 20.19 8.78 -3.02
CA VAL D 37 21.55 9.18 -2.68
C VAL D 37 21.89 10.39 -3.53
N ARG D 38 22.41 11.45 -2.92
CA ARG D 38 22.65 12.69 -3.62
C ARG D 38 24.13 13.00 -3.64
N GLN D 39 24.70 13.05 -4.85
CA GLN D 39 26.11 13.36 -5.05
C GLN D 39 26.25 14.83 -5.42
N ALA D 40 26.78 15.62 -4.50
CA ALA D 40 27.05 17.01 -4.78
C ALA D 40 28.17 17.13 -5.81
N PRO D 41 28.25 18.27 -6.51
CA PRO D 41 29.35 18.45 -7.47
C PRO D 41 30.71 18.38 -6.80
N GLY D 42 31.51 17.41 -7.22
CA GLY D 42 32.86 17.28 -6.71
C GLY D 42 32.98 16.86 -5.26
N LYS D 43 31.94 16.27 -4.70
CA LYS D 43 31.95 15.80 -3.32
C LYS D 43 31.61 14.32 -3.28
N GLY D 44 31.72 13.74 -2.09
CA GLY D 44 31.37 12.35 -1.89
C GLY D 44 29.87 12.16 -1.89
N LEU D 45 29.47 10.88 -1.83
CA LEU D 45 28.07 10.56 -1.80
C LEU D 45 27.49 10.82 -0.42
N GLU D 46 26.16 10.77 -0.33
CA GLU D 46 25.48 11.04 0.93
C GLU D 46 24.08 10.46 0.85
N TRP D 47 23.80 9.45 1.67
CA TRP D 47 22.47 8.88 1.74
C TRP D 47 21.49 9.92 2.24
N VAL D 48 20.26 9.90 1.72
CA VAL D 48 19.28 10.94 2.04
C VAL D 48 17.91 10.39 2.41
N GLY D 49 17.69 9.09 2.34
CA GLY D 49 16.42 8.59 2.84
C GLY D 49 16.09 7.21 2.32
N ARG D 50 15.25 6.52 3.10
CA ARG D 50 14.75 5.20 2.77
C ARG D 50 13.25 5.13 3.03
N ILE D 51 12.55 4.36 2.22
CA ILE D 51 11.12 4.12 2.41
C ILE D 51 10.86 2.61 2.37
N LYS D 52 10.07 2.12 3.32
CA LYS D 52 9.83 0.70 3.47
C LYS D 52 8.80 0.23 2.44
N SER D 53 8.30 -0.99 2.62
CA SER D 53 7.59 -1.71 1.56
C SER D 53 6.07 -1.62 1.66
N LYS D 54 5.53 -0.91 2.64
CA LYS D 54 4.10 -0.66 2.79
C LYS D 54 3.36 -1.94 3.21
N ALA D 55 4.04 -3.07 3.13
CA ALA D 55 3.57 -4.28 3.79
C ALA D 55 4.23 -4.47 5.15
N ASP D 56 5.17 -3.60 5.50
CA ASP D 56 5.89 -3.63 6.76
C ASP D 56 6.00 -2.22 7.33
N GLY D 57 4.93 -1.44 7.18
CA GLY D 57 4.87 -0.14 7.84
C GLY D 57 4.80 1.05 6.91
N GLN D 58 5.55 1.01 5.80
CA GLN D 58 5.70 2.16 4.90
C GLN D 58 6.21 3.38 5.68
N THR D 59 7.37 3.19 6.30
CA THR D 59 7.97 4.23 7.11
C THR D 59 9.13 4.88 6.36
N THR D 60 9.51 6.06 6.80
CA THR D 60 10.56 6.85 6.17
C THR D 60 11.64 7.17 7.18
N ASP D 61 12.90 6.98 6.78
CA ASP D 61 14.06 7.26 7.63
C ASP D 61 14.95 8.24 6.87
N TYR D 62 14.91 9.51 7.26
CA TYR D 62 15.71 10.51 6.57
C TYR D 62 17.06 10.66 7.29
N ALA D 63 17.87 11.59 6.84
CA ALA D 63 19.20 11.80 7.38
C ALA D 63 19.19 12.91 8.44
N ALA D 64 20.33 13.05 9.11
CA ALA D 64 20.44 14.06 10.18
C ALA D 64 20.25 15.48 9.68
N PRO D 65 20.91 15.96 8.62
CA PRO D 65 20.71 17.34 8.19
C PRO D 65 19.53 17.50 7.23
N VAL D 66 18.68 16.48 7.16
CA VAL D 66 17.63 16.43 6.16
C VAL D 66 16.24 16.40 6.77
N LYS D 67 16.09 15.92 8.02
CA LYS D 67 14.82 15.60 8.64
C LYS D 67 13.70 16.59 8.34
N GLY D 68 14.03 17.88 8.32
CA GLY D 68 12.99 18.89 8.08
C GLY D 68 12.39 18.82 6.70
N ARG D 69 13.18 18.45 5.69
CA ARG D 69 12.73 18.49 4.31
C ARG D 69 12.97 17.17 3.59
N PHE D 70 12.81 17.17 2.27
CA PHE D 70 13.02 15.99 1.43
C PHE D 70 12.06 14.85 1.79
N SER D 71 10.78 15.10 1.57
CA SER D 71 9.77 14.08 1.80
C SER D 71 9.82 13.00 0.72
N ILE D 72 9.63 11.75 1.13
CA ILE D 72 9.67 10.60 0.24
C ILE D 72 8.31 9.91 0.28
N SER D 73 7.84 9.47 -0.88
CA SER D 73 6.60 8.71 -0.94
C SER D 73 6.68 7.71 -2.08
N ARG D 74 5.88 6.67 -1.99
CA ARG D 74 5.83 5.59 -2.96
C ARG D 74 4.46 5.51 -3.60
N ASP D 75 4.43 5.31 -4.91
CA ASP D 75 3.20 5.13 -5.67
C ASP D 75 3.25 3.77 -6.35
N ASP D 76 2.54 2.80 -5.79
CA ASP D 76 2.45 1.48 -6.37
C ASP D 76 1.50 1.51 -7.57
N SER D 77 1.22 0.34 -8.13
CA SER D 77 0.30 0.14 -9.25
C SER D 77 0.84 0.72 -10.54
N LYS D 78 1.97 1.43 -10.45
CA LYS D 78 2.70 1.86 -11.62
C LYS D 78 4.22 1.77 -11.44
N ASN D 79 4.69 1.25 -10.31
CA ASN D 79 6.12 1.08 -10.04
C ASN D 79 6.87 2.41 -10.15
N THR D 80 6.54 3.32 -9.24
CA THR D 80 7.12 4.65 -9.25
C THR D 80 7.48 5.07 -7.84
N LEU D 81 8.65 5.67 -7.69
CA LEU D 81 9.11 6.27 -6.45
C LEU D 81 9.08 7.78 -6.59
N PHE D 82 8.93 8.47 -5.46
CA PHE D 82 8.73 9.93 -5.47
C PHE D 82 9.57 10.56 -4.38
N LEU D 83 10.42 11.51 -4.76
CA LEU D 83 11.15 12.35 -3.82
C LEU D 83 10.59 13.76 -3.94
N GLN D 84 10.12 14.30 -2.83
CA GLN D 84 9.55 15.64 -2.78
C GLN D 84 10.54 16.56 -2.07
N ILE D 85 11.19 17.43 -2.84
CA ILE D 85 12.10 18.41 -2.27
C ILE D 85 11.26 19.57 -1.76
N HIS D 86 11.09 19.66 -0.44
CA HIS D 86 10.14 20.61 0.11
C HIS D 86 10.62 22.05 -0.04
N ASN D 87 11.93 22.28 -0.01
CA ASN D 87 12.44 23.63 -0.14
C ASN D 87 13.87 23.58 -0.64
N LEU D 88 14.19 24.43 -1.61
CA LEU D 88 15.54 24.53 -2.13
C LEU D 88 16.20 25.78 -1.58
N GLU D 89 17.44 25.67 -1.11
CA GLU D 89 18.11 26.83 -0.52
C GLU D 89 19.29 27.29 -1.35
N SER D 90 20.40 26.55 -1.37
CA SER D 90 21.44 26.74 -2.38
C SER D 90 22.05 25.41 -2.79
N ASP D 91 22.23 24.52 -1.82
CA ASP D 91 23.08 23.35 -1.96
C ASP D 91 22.34 22.10 -2.42
N ASP D 92 21.04 22.21 -2.71
CA ASP D 92 20.35 21.09 -3.35
C ASP D 92 20.82 20.88 -4.78
N THR D 93 21.62 21.80 -5.32
CA THR D 93 22.25 21.58 -6.61
C THR D 93 23.21 20.41 -6.49
N ALA D 94 22.80 19.27 -7.03
CA ALA D 94 23.55 18.03 -6.93
C ALA D 94 23.01 17.07 -7.97
N VAL D 95 23.40 15.81 -7.86
CA VAL D 95 22.81 14.74 -8.64
C VAL D 95 22.08 13.84 -7.64
N TYR D 96 21.05 13.14 -8.12
CA TYR D 96 20.28 12.25 -7.26
C TYR D 96 20.12 10.89 -7.90
N TYR D 97 20.19 9.84 -7.09
CA TYR D 97 20.12 8.47 -7.56
C TYR D 97 18.99 7.77 -6.81
N CYS D 98 18.50 6.68 -7.41
CA CYS D 98 17.54 5.80 -6.75
C CYS D 98 18.07 4.38 -6.84
N THR D 99 18.36 3.78 -5.68
CA THR D 99 19.13 2.55 -5.61
C THR D 99 18.46 1.54 -4.69
N THR D 100 18.81 0.27 -4.87
CA THR D 100 18.37 -0.81 -4.01
C THR D 100 19.53 -1.78 -3.79
N GLY D 101 19.31 -2.75 -2.92
CA GLY D 101 20.43 -3.56 -2.47
C GLY D 101 20.24 -5.05 -2.31
N ALA D 102 20.56 -5.54 -1.11
CA ALA D 102 20.67 -6.97 -0.88
C ALA D 102 19.34 -7.69 -1.07
N LEU D 103 19.43 -8.93 -1.56
CA LEU D 103 18.28 -9.82 -1.63
C LEU D 103 18.39 -10.82 -0.48
N VAL D 104 17.34 -10.94 0.31
CA VAL D 104 17.32 -11.80 1.49
C VAL D 104 16.07 -12.66 1.46
N GLU D 105 16.23 -13.95 1.73
CA GLU D 105 15.13 -14.89 1.82
C GLU D 105 15.35 -15.81 3.02
N SER D 106 14.26 -16.38 3.55
CA SER D 106 14.37 -17.27 4.69
C SER D 106 13.99 -18.68 4.26
N ARG D 107 12.74 -18.93 3.87
CA ARG D 107 12.41 -20.19 3.24
C ARG D 107 11.51 -19.98 2.03
N TYR D 108 10.58 -19.04 2.14
CA TYR D 108 9.52 -18.86 1.18
C TYR D 108 9.60 -17.53 0.44
N PHE D 109 9.94 -16.46 1.15
CA PHE D 109 9.75 -15.10 0.67
C PHE D 109 11.09 -14.38 0.60
N ASP D 110 11.25 -13.55 -0.43
CA ASP D 110 12.47 -12.78 -0.62
C ASP D 110 12.12 -11.37 -1.08
N TRP D 111 13.03 -10.43 -0.82
CA TRP D 111 12.79 -9.04 -1.14
C TRP D 111 14.08 -8.25 -1.02
N PHE D 112 14.25 -7.27 -1.88
CA PHE D 112 15.42 -6.41 -1.84
C PHE D 112 15.37 -5.54 -0.59
N THR D 113 16.20 -5.86 0.39
CA THR D 113 16.19 -5.07 1.63
C THR D 113 16.84 -3.71 1.44
N GLY D 114 17.74 -3.56 0.48
CA GLY D 114 18.35 -2.27 0.23
C GLY D 114 19.24 -1.77 1.35
N TYR D 115 20.36 -2.44 1.59
CA TYR D 115 21.30 -2.01 2.61
C TYR D 115 22.68 -1.67 2.06
N TYR D 116 23.18 -2.41 1.08
CA TYR D 116 24.33 -2.01 0.29
C TYR D 116 23.88 -1.92 -1.15
N PHE D 117 24.20 -0.83 -1.82
CA PHE D 117 23.47 -0.45 -3.01
C PHE D 117 24.08 -1.12 -4.24
N ASP D 118 23.29 -1.93 -4.93
CA ASP D 118 23.77 -2.63 -6.12
C ASP D 118 23.42 -1.91 -7.41
N TYR D 119 22.14 -1.61 -7.63
CA TYR D 119 21.65 -1.07 -8.89
C TYR D 119 21.42 0.42 -8.75
N TRP D 120 21.90 1.19 -9.72
CA TRP D 120 21.77 2.64 -9.70
C TRP D 120 21.15 3.12 -11.00
N GLY D 121 20.47 4.26 -10.92
CA GLY D 121 19.95 4.90 -12.12
C GLY D 121 21.03 5.73 -12.81
N GLN D 122 20.63 6.37 -13.91
CA GLN D 122 21.57 7.23 -14.61
C GLN D 122 21.91 8.47 -13.79
N GLY D 123 20.98 8.95 -12.97
CA GLY D 123 21.23 10.10 -12.14
C GLY D 123 20.84 11.40 -12.80
N THR D 124 19.86 12.09 -12.24
CA THR D 124 19.42 13.38 -12.75
C THR D 124 20.09 14.50 -11.98
N LEU D 125 20.37 15.60 -12.67
CA LEU D 125 21.11 16.71 -12.11
C LEU D 125 20.15 17.85 -11.81
N VAL D 126 20.18 18.33 -10.57
CA VAL D 126 19.34 19.42 -10.12
C VAL D 126 20.22 20.64 -9.89
N THR D 127 19.68 21.83 -10.16
CA THR D 127 20.42 23.07 -10.05
C THR D 127 19.61 24.11 -9.29
N VAL D 128 20.33 25.02 -8.64
CA VAL D 128 19.73 26.18 -7.97
C VAL D 128 20.45 27.42 -8.47
N SER D 129 19.68 28.35 -9.04
CA SER D 129 20.27 29.58 -9.59
C SER D 129 19.65 30.82 -8.95
N ASP E 1 25.54 7.99 15.61
CA ASP E 1 26.46 8.88 14.89
C ASP E 1 27.88 8.34 14.99
N ILE E 2 28.13 7.22 14.33
CA ILE E 2 29.43 6.55 14.38
C ILE E 2 30.28 7.16 13.27
N GLN E 3 31.17 8.07 13.66
CA GLN E 3 32.05 8.71 12.69
C GLN E 3 33.03 7.69 12.12
N MET E 4 33.31 7.81 10.82
CA MET E 4 34.28 6.97 10.14
C MET E 4 35.20 7.85 9.32
N THR E 5 36.45 7.41 9.19
CA THR E 5 37.41 8.07 8.31
C THR E 5 37.89 7.08 7.26
N GLN E 6 38.16 7.60 6.07
CA GLN E 6 38.74 6.81 4.99
C GLN E 6 40.02 7.52 4.59
N SER E 7 41.14 7.04 5.13
CA SER E 7 42.40 7.76 5.08
C SER E 7 43.49 6.86 4.54
N PRO E 8 44.48 7.41 3.83
CA PRO E 8 44.54 8.82 3.44
C PRO E 8 43.72 9.11 2.19
N SER E 9 44.01 10.22 1.52
CA SER E 9 43.26 10.64 0.34
C SER E 9 44.11 10.66 -0.92
N SER E 10 45.41 10.93 -0.81
CA SER E 10 46.30 11.02 -1.96
C SER E 10 47.17 9.77 -2.00
N LEU E 11 46.86 8.85 -2.91
CA LEU E 11 47.55 7.58 -3.02
C LEU E 11 47.92 7.35 -4.47
N SER E 12 49.17 6.97 -4.71
CA SER E 12 49.68 6.77 -6.06
C SER E 12 51.00 6.02 -6.07
N ALA E 13 51.09 4.96 -6.87
CA ALA E 13 52.32 4.21 -7.01
C ALA E 13 52.41 3.66 -8.42
N SER E 14 53.64 3.34 -8.85
CA SER E 14 53.83 2.75 -10.16
C SER E 14 53.01 1.49 -10.31
N VAL E 15 52.68 1.15 -11.56
CA VAL E 15 51.82 0.01 -11.81
C VAL E 15 52.45 -1.26 -11.24
N GLY E 16 51.59 -2.16 -10.77
CA GLY E 16 52.04 -3.40 -10.19
C GLY E 16 52.31 -3.34 -8.70
N ASP E 17 52.45 -2.16 -8.12
CA ASP E 17 52.75 -2.04 -6.70
C ASP E 17 51.50 -2.31 -5.88
N ARG E 18 51.63 -2.20 -4.55
CA ARG E 18 50.55 -2.51 -3.63
C ARG E 18 50.13 -1.25 -2.89
N VAL E 19 48.85 -1.17 -2.54
CA VAL E 19 48.25 0.01 -1.94
C VAL E 19 47.43 -0.40 -0.72
N THR E 20 47.39 0.47 0.28
CA THR E 20 46.61 0.26 1.50
C THR E 20 45.55 1.33 1.63
N ILE E 21 44.32 0.93 1.93
CA ILE E 21 43.23 1.83 2.22
C ILE E 21 42.55 1.36 3.49
N THR E 22 42.27 2.30 4.41
CA THR E 22 41.83 1.97 5.76
C THR E 22 40.60 2.77 6.13
N CYS E 23 39.48 2.07 6.35
CA CYS E 23 38.22 2.67 6.79
C CYS E 23 38.08 2.46 8.30
N ARG E 24 38.70 3.35 9.07
CA ARG E 24 38.59 3.27 10.52
C ARG E 24 37.17 3.61 10.96
N THR E 25 36.83 3.20 12.18
CA THR E 25 35.51 3.45 12.74
C THR E 25 35.65 3.91 14.18
N SER E 26 34.64 4.67 14.64
CA SER E 26 34.60 5.11 16.03
C SER E 26 33.89 4.11 16.92
N GLN E 27 33.00 3.29 16.37
CA GLN E 27 32.30 2.27 17.13
C GLN E 27 32.37 0.95 16.35
N GLY E 28 32.24 -0.15 17.10
CA GLY E 28 32.43 -1.46 16.50
C GLY E 28 31.27 -1.85 15.61
N ILE E 29 31.60 -2.38 14.43
CA ILE E 29 30.64 -3.04 13.55
C ILE E 29 31.29 -4.35 13.12
N TYR E 30 30.53 -5.45 13.24
CA TYR E 30 31.14 -6.77 13.27
C TYR E 30 31.91 -7.06 11.99
N ASN E 31 31.21 -7.19 10.88
CA ASN E 31 31.83 -7.26 9.57
C ASN E 31 31.03 -6.48 8.55
N TYR E 32 30.04 -5.72 8.99
CA TYR E 32 29.07 -5.09 8.10
C TYR E 32 29.68 -3.84 7.49
N LEU E 33 30.10 -3.94 6.23
CA LEU E 33 30.65 -2.83 5.50
C LEU E 33 30.89 -3.26 4.06
N ALA E 34 30.84 -2.29 3.15
CA ALA E 34 31.03 -2.54 1.73
C ALA E 34 32.07 -1.57 1.18
N TRP E 35 32.37 -1.70 -0.11
CA TRP E 35 33.25 -0.76 -0.78
C TRP E 35 32.71 -0.49 -2.17
N TYR E 36 32.67 0.78 -2.55
CA TYR E 36 32.18 1.21 -3.85
C TYR E 36 33.31 1.87 -4.63
N GLN E 37 33.30 1.66 -5.94
CA GLN E 37 34.26 2.29 -6.83
C GLN E 37 33.52 3.19 -7.80
N GLN E 38 34.07 4.37 -8.05
CA GLN E 38 33.42 5.36 -8.91
C GLN E 38 34.51 6.07 -9.69
N LYS E 39 34.57 5.80 -10.98
CA LYS E 39 35.47 6.50 -11.88
C LYS E 39 34.87 7.85 -12.26
N PRO E 40 35.68 8.80 -12.71
CA PRO E 40 35.16 10.16 -12.94
C PRO E 40 33.99 10.17 -13.92
N GLY E 41 32.93 10.87 -13.53
CA GLY E 41 31.78 11.06 -14.39
C GLY E 41 30.96 9.83 -14.70
N LYS E 42 30.68 8.99 -13.71
CA LYS E 42 29.80 7.84 -13.92
C LYS E 42 29.29 7.36 -12.58
N VAL E 43 28.36 6.41 -12.64
CA VAL E 43 27.72 5.87 -11.45
C VAL E 43 28.72 5.04 -10.65
N PRO E 44 28.62 5.02 -9.32
CA PRO E 44 29.49 4.15 -8.54
C PRO E 44 29.17 2.68 -8.79
N LYS E 45 30.18 1.84 -8.57
CA LYS E 45 30.06 0.40 -8.73
C LYS E 45 30.46 -0.29 -7.43
N LEU E 46 29.85 -1.44 -7.17
CA LEU E 46 30.13 -2.22 -5.97
C LEU E 46 31.32 -3.15 -6.19
N LEU E 47 32.09 -3.34 -5.12
CA LEU E 47 33.17 -4.31 -5.11
C LEU E 47 32.97 -5.40 -4.06
N ILE E 48 32.74 -5.03 -2.81
CA ILE E 48 32.82 -5.93 -1.67
C ILE E 48 31.53 -5.78 -0.86
N TYR E 49 31.26 -6.79 -0.03
CA TYR E 49 30.29 -6.65 1.05
C TYR E 49 30.64 -7.67 2.12
N GLY E 50 30.14 -7.43 3.33
CA GLY E 50 30.58 -8.23 4.46
C GLY E 50 32.03 -8.02 4.84
N ALA E 51 32.67 -7.01 4.26
CA ALA E 51 34.05 -6.56 4.44
C ALA E 51 35.06 -7.45 3.72
N SER E 52 34.65 -8.62 3.20
CA SER E 52 35.62 -9.46 2.49
C SER E 52 35.08 -10.12 1.23
N THR E 53 33.77 -10.16 0.99
CA THR E 53 33.21 -10.95 -0.11
C THR E 53 33.34 -10.18 -1.41
N LEU E 54 34.12 -10.71 -2.35
CA LEU E 54 34.23 -10.11 -3.66
C LEU E 54 32.92 -10.21 -4.42
N GLN E 55 32.67 -9.24 -5.29
CA GLN E 55 31.48 -9.27 -6.12
C GLN E 55 31.64 -10.31 -7.22
N SER E 56 30.55 -11.02 -7.54
CA SER E 56 30.57 -11.98 -8.63
C SER E 56 30.72 -11.22 -9.94
N GLY E 57 31.91 -11.25 -10.52
CA GLY E 57 32.17 -10.55 -11.77
C GLY E 57 33.07 -9.34 -11.67
N VAL E 58 33.90 -9.24 -10.64
CA VAL E 58 34.84 -8.13 -10.50
C VAL E 58 36.25 -8.72 -10.47
N PRO E 59 37.26 -8.01 -10.95
CA PRO E 59 38.64 -8.53 -10.85
C PRO E 59 39.01 -8.84 -9.41
N SER E 60 39.78 -9.91 -9.24
CA SER E 60 40.09 -10.46 -7.93
C SER E 60 41.43 -9.99 -7.38
N ARG E 61 41.82 -8.75 -7.68
CA ARG E 61 43.04 -8.18 -7.11
C ARG E 61 42.78 -7.32 -5.89
N PHE E 62 41.54 -7.26 -5.42
CA PHE E 62 41.17 -6.50 -4.22
C PHE E 62 41.00 -7.46 -3.06
N SER E 63 41.46 -7.04 -1.89
CA SER E 63 41.56 -7.91 -0.71
C SER E 63 40.89 -7.26 0.49
N GLY E 64 39.60 -7.50 0.66
CA GLY E 64 38.93 -7.13 1.89
C GLY E 64 39.43 -8.00 3.02
N SER E 65 40.08 -7.39 4.01
CA SER E 65 40.82 -8.15 5.02
C SER E 65 40.22 -8.03 6.42
N GLY E 66 40.10 -6.81 6.95
CA GLY E 66 39.88 -6.62 8.36
C GLY E 66 38.44 -6.86 8.79
N SER E 67 38.22 -6.67 10.08
CA SER E 67 36.90 -6.69 10.70
C SER E 67 37.02 -6.06 12.08
N GLY E 68 35.89 -5.89 12.75
CA GLY E 68 35.87 -5.37 14.10
C GLY E 68 35.64 -3.87 14.22
N THR E 69 36.73 -3.11 14.40
CA THR E 69 36.64 -1.66 14.49
C THR E 69 37.44 -0.93 13.42
N ASP E 70 38.48 -1.55 12.88
CA ASP E 70 39.25 -0.99 11.78
C ASP E 70 39.30 -1.97 10.63
N PHE E 71 39.12 -1.48 9.41
CA PHE E 71 39.10 -2.35 8.25
C PHE E 71 40.22 -1.93 7.31
N THR E 72 40.58 -2.82 6.40
CA THR E 72 41.49 -2.48 5.32
C THR E 72 40.99 -3.10 4.03
N LEU E 73 41.04 -2.32 2.95
CA LEU E 73 40.94 -2.84 1.61
C LEU E 73 42.22 -2.50 0.87
N THR E 74 42.86 -3.51 0.29
CA THR E 74 44.14 -3.34 -0.35
C THR E 74 44.08 -3.93 -1.75
N ILE E 75 44.67 -3.24 -2.70
CA ILE E 75 44.83 -3.77 -4.05
C ILE E 75 46.16 -4.50 -4.09
N SER E 76 46.14 -5.73 -4.61
CA SER E 76 47.33 -6.56 -4.57
C SER E 76 48.40 -6.04 -5.53
N SER E 77 48.00 -5.53 -6.68
CA SER E 77 48.93 -4.97 -7.65
C SER E 77 48.21 -3.86 -8.40
N LEU E 78 48.94 -2.78 -8.71
CA LEU E 78 48.34 -1.60 -9.32
C LEU E 78 48.31 -1.70 -10.83
N GLN E 79 47.28 -1.11 -11.42
CA GLN E 79 47.12 -0.99 -12.87
C GLN E 79 46.59 0.39 -13.18
N PRO E 80 46.86 0.91 -14.38
CA PRO E 80 46.45 2.29 -14.69
C PRO E 80 44.99 2.44 -15.09
N GLU E 81 44.25 1.34 -15.25
CA GLU E 81 42.83 1.44 -15.58
C GLU E 81 41.94 1.47 -14.33
N ASP E 82 42.51 1.31 -13.14
CA ASP E 82 41.76 1.25 -11.90
C ASP E 82 41.98 2.49 -11.03
N VAL E 83 42.07 3.66 -11.66
CA VAL E 83 42.16 4.92 -10.94
C VAL E 83 40.74 5.47 -10.78
N ALA E 84 40.33 5.67 -9.53
CA ALA E 84 38.99 6.13 -9.22
C ALA E 84 38.97 6.63 -7.78
N THR E 85 37.78 6.83 -7.25
CA THR E 85 37.57 7.14 -5.84
C THR E 85 36.82 6.01 -5.19
N TYR E 86 37.29 5.57 -4.02
CA TYR E 86 36.72 4.42 -3.32
C TYR E 86 35.99 4.89 -2.07
N TYR E 87 34.84 4.26 -1.80
CA TYR E 87 33.94 4.71 -0.74
C TYR E 87 33.62 3.54 0.17
N CYS E 88 33.90 3.69 1.46
CA CYS E 88 33.55 2.70 2.47
C CYS E 88 32.26 3.13 3.15
N GLN E 89 31.32 2.20 3.26
CA GLN E 89 29.99 2.47 3.77
C GLN E 89 29.71 1.67 5.04
N LYS E 90 29.35 2.35 6.12
CA LYS E 90 28.86 1.63 7.29
C LYS E 90 27.53 0.96 6.95
N TYR E 91 27.31 -0.19 7.54
CA TYR E 91 26.32 -1.10 6.99
C TYR E 91 25.47 -1.81 8.04
N LYS E 92 25.72 -1.60 9.32
CA LYS E 92 25.00 -2.30 10.37
C LYS E 92 23.52 -1.92 10.40
N SER E 93 23.24 -0.62 10.41
CA SER E 93 21.86 -0.14 10.48
C SER E 93 21.83 1.29 9.95
N ALA E 94 20.68 1.95 10.09
CA ALA E 94 20.58 3.34 9.71
C ALA E 94 21.56 4.17 10.53
N PRO E 95 22.07 5.28 9.98
CA PRO E 95 21.69 5.91 8.72
C PRO E 95 22.67 5.69 7.56
N LEU E 96 23.15 4.47 7.37
CA LEU E 96 23.87 4.06 6.16
C LEU E 96 24.83 5.12 5.61
N THR E 97 25.57 5.78 6.50
CA THR E 97 26.39 6.91 6.09
C THR E 97 27.65 6.43 5.36
N PHE E 98 27.95 7.08 4.23
CA PHE E 98 29.11 6.72 3.44
C PHE E 98 30.39 7.19 4.13
N GLY E 99 31.52 7.00 3.44
CA GLY E 99 32.80 7.47 3.91
C GLY E 99 33.23 8.75 3.22
N GLY E 100 34.37 9.26 3.66
CA GLY E 100 34.89 10.50 3.09
C GLY E 100 35.25 10.37 1.63
N GLY E 101 36.04 9.36 1.29
CA GLY E 101 36.41 9.13 -0.09
C GLY E 101 37.89 9.31 -0.32
N THR E 102 38.48 8.42 -1.12
CA THR E 102 39.90 8.44 -1.41
C THR E 102 40.13 8.32 -2.90
N LYS E 103 40.90 9.25 -3.46
CA LYS E 103 41.29 9.21 -4.86
C LYS E 103 42.65 8.52 -5.00
N VAL E 104 42.86 7.87 -6.13
CA VAL E 104 44.12 7.20 -6.42
C VAL E 104 44.66 7.72 -7.75
N GLU E 105 45.83 8.36 -7.69
CA GLU E 105 46.55 8.82 -8.86
C GLU E 105 47.58 7.76 -9.24
N ILE E 106 48.48 8.11 -10.16
CA ILE E 106 49.50 7.19 -10.62
C ILE E 106 50.85 7.90 -10.53
N LYS E 107 51.91 7.10 -10.43
CA LYS E 107 53.23 7.69 -10.24
C LYS E 107 53.76 8.26 -11.55
N ARG E 108 54.80 9.10 -11.41
CA ARG E 108 55.50 9.77 -12.51
C ARG E 108 55.36 9.15 -13.89
#